data_7P31
#
_entry.id   7P31
#
_cell.length_a   79.979
_cell.length_b   102.575
_cell.length_c   103.829
_cell.angle_alpha   90.00
_cell.angle_beta   90.00
_cell.angle_gamma   90.00
#
_symmetry.space_group_name_H-M   'P 21 21 21'
#
loop_
_entity.id
_entity.type
_entity.pdbx_description
1 polymer 'Heat shock protein 70'
2 non-polymer 'TETRAETHYLENE GLYCOL'
3 non-polymer 'AMP PHOSPHORAMIDATE'
4 non-polymer GLYCEROL
5 non-polymer 4-IODOPYRAZOLE
6 non-polymer 'PHOSPHATE ION'
7 non-polymer 'CHLORIDE ION'
8 non-polymer 'IODIDE ION'
9 water water
#
_entity_poly.entity_id   1
_entity_poly.type   'polypeptide(L)'
_entity_poly.pdbx_seq_one_letter_code
;GPAEESEVAIGIDLGTTYSCVGICRNGVVDIIANDQGNRTTPSYVAFTDTERLIGDAAKNQASRNPENTVFDAKRLIGRK
FSETTVQSDMKHWPFTVKGGSDGKPMIEVSYQGEKKTFHPEEISSMVLKKMKEVAETYLGKPVKNAVITVPAYFNDSQRQ
ATKDAGAIAGLNVLRIINEPTAAAIAYGLDKKGKGEQNILIFDLGGGTFDVSLLTLEDGIFEVKATSGDTHLGGEDFDNK
LVNFCVQDFKKKNGGKDVSKNSKSLRRLRTQCEKAKRVLSSSAQATIEVDSLFDGIDYNVNITRAKFEELCMDQFRNTLI
PVEKVLKDAKMDKSQVHEIVLVGGSTRIPKIQQLIKDFFNGKEP(CSX)KAINPDEAVAYGAAVQAAILSGDQSSAV
;
_entity_poly.pdbx_strand_id   A,B
#
loop_
_chem_comp.id
_chem_comp.type
_chem_comp.name
_chem_comp.formula
AN2 non-polymer 'AMP PHOSPHORAMIDATE' 'C10 H16 N6 O9 P2'
CL non-polymer 'CHLORIDE ION' 'Cl -1'
GOL non-polymer GLYCEROL 'C3 H8 O3'
IOD non-polymer 'IODIDE ION' 'I -1'
PG4 non-polymer 'TETRAETHYLENE GLYCOL' 'C8 H18 O5'
PO4 non-polymer 'PHOSPHATE ION' 'O4 P -3'
PYZ non-polymer 4-IODOPYRAZOLE 'C3 H3 I N2'
#
# COMPACT_ATOMS: atom_id res chain seq x y z
N GLU A 7 -6.66 -26.56 -19.08
CA GLU A 7 -6.93 -25.76 -20.28
C GLU A 7 -7.85 -24.54 -20.00
N VAL A 8 -9.12 -24.81 -19.57
CA VAL A 8 -10.13 -23.78 -19.39
C VAL A 8 -9.85 -22.86 -18.19
N ALA A 9 -9.76 -21.54 -18.46
CA ALA A 9 -9.54 -20.49 -17.47
C ALA A 9 -10.65 -19.43 -17.52
N ILE A 10 -11.16 -19.06 -16.34
CA ILE A 10 -12.22 -18.06 -16.16
C ILE A 10 -11.70 -16.79 -15.45
N GLY A 11 -12.41 -15.71 -15.62
CA GLY A 11 -12.13 -14.47 -14.92
C GLY A 11 -13.26 -14.24 -13.93
N ILE A 12 -12.92 -13.94 -12.68
CA ILE A 12 -13.93 -13.72 -11.63
C ILE A 12 -13.74 -12.36 -10.97
N ASP A 13 -14.79 -11.56 -10.99
CA ASP A 13 -14.86 -10.33 -10.24
C ASP A 13 -15.49 -10.76 -8.91
N LEU A 14 -14.69 -10.84 -7.82
CA LEU A 14 -15.20 -11.17 -6.48
C LEU A 14 -15.56 -9.84 -5.84
N GLY A 15 -16.77 -9.37 -6.07
CA GLY A 15 -17.24 -8.06 -5.64
C GLY A 15 -17.73 -8.00 -4.22
N THR A 16 -17.81 -6.77 -3.68
CA THR A 16 -18.27 -6.55 -2.29
C THR A 16 -19.70 -7.03 -2.11
N THR A 17 -20.58 -6.66 -3.04
CA THR A 17 -22.02 -6.93 -3.01
C THR A 17 -22.36 -7.96 -4.11
N TYR A 18 -21.76 -7.87 -5.31
CA TYR A 18 -22.01 -8.79 -6.44
C TYR A 18 -20.72 -9.35 -7.03
N SER A 19 -20.77 -10.59 -7.48
CA SER A 19 -19.66 -11.25 -8.15
C SER A 19 -20.10 -11.59 -9.59
N CYS A 20 -19.13 -11.75 -10.50
CA CYS A 20 -19.43 -11.96 -11.88
C CYS A 20 -18.34 -12.85 -12.47
N VAL A 21 -18.72 -13.77 -13.36
CA VAL A 21 -17.76 -14.70 -13.98
C VAL A 21 -17.84 -14.62 -15.51
N GLY A 22 -16.68 -14.52 -16.13
CA GLY A 22 -16.61 -14.47 -17.59
C GLY A 22 -15.62 -15.48 -18.14
N ILE A 23 -15.71 -15.74 -19.45
CA ILE A 23 -14.80 -16.61 -20.18
C ILE A 23 -14.45 -16.00 -21.52
N CYS A 24 -13.18 -15.98 -21.87
CA CYS A 24 -12.72 -15.43 -23.13
C CYS A 24 -12.25 -16.60 -23.98
N ARG A 25 -12.97 -16.86 -25.05
CA ARG A 25 -12.68 -17.94 -25.99
C ARG A 25 -12.75 -17.36 -27.39
N ASN A 26 -11.76 -17.69 -28.23
CA ASN A 26 -11.70 -17.21 -29.60
C ASN A 26 -11.78 -15.66 -29.67
N GLY A 27 -11.21 -15.00 -28.67
CA GLY A 27 -11.19 -13.55 -28.58
C GLY A 27 -12.52 -12.90 -28.26
N VAL A 28 -13.51 -13.70 -27.94
CA VAL A 28 -14.85 -13.21 -27.60
C VAL A 28 -15.06 -13.50 -26.10
N VAL A 29 -15.64 -12.53 -25.36
CA VAL A 29 -15.87 -12.72 -23.95
C VAL A 29 -17.32 -12.98 -23.64
N ASP A 30 -17.64 -14.13 -23.05
CA ASP A 30 -18.99 -14.39 -22.58
C ASP A 30 -19.09 -14.21 -21.06
N ILE A 31 -19.98 -13.28 -20.62
CA ILE A 31 -20.31 -13.15 -19.20
C ILE A 31 -21.40 -14.20 -18.96
N ILE A 32 -21.18 -15.10 -18.03
CA ILE A 32 -22.05 -16.23 -17.80
C ILE A 32 -23.16 -16.00 -16.79
N ALA A 33 -24.41 -16.22 -17.21
CA ALA A 33 -25.60 -16.11 -16.35
C ALA A 33 -25.69 -17.29 -15.39
N ASN A 34 -26.19 -17.04 -14.17
CA ASN A 34 -26.37 -18.09 -13.16
C ASN A 34 -27.73 -18.83 -13.38
N ASP A 35 -28.12 -19.73 -12.45
CA ASP A 35 -29.36 -20.51 -12.50
C ASP A 35 -30.61 -19.68 -12.67
N GLN A 36 -30.63 -18.46 -12.15
CA GLN A 36 -31.79 -17.59 -12.26
C GLN A 36 -31.75 -16.64 -13.47
N GLY A 37 -30.77 -16.81 -14.35
CA GLY A 37 -30.59 -15.95 -15.50
C GLY A 37 -29.88 -14.65 -15.19
N ASN A 38 -29.30 -14.51 -13.98
CA ASN A 38 -28.62 -13.28 -13.60
C ASN A 38 -27.14 -13.28 -14.00
N ARG A 39 -26.69 -12.21 -14.67
CA ARG A 39 -25.34 -12.09 -15.16
C ARG A 39 -24.30 -11.75 -14.05
N THR A 40 -24.80 -11.37 -12.86
CA THR A 40 -24.06 -11.13 -11.62
C THR A 40 -24.77 -11.89 -10.50
N THR A 41 -24.04 -12.26 -9.45
CA THR A 41 -24.55 -13.07 -8.36
C THR A 41 -24.17 -12.40 -7.07
N PRO A 42 -25.15 -12.21 -6.16
CA PRO A 42 -24.82 -11.58 -4.86
C PRO A 42 -23.71 -12.33 -4.10
N SER A 43 -22.79 -11.57 -3.47
CA SER A 43 -21.70 -12.15 -2.68
C SER A 43 -22.28 -12.42 -1.28
N TYR A 44 -23.30 -13.28 -1.22
CA TYR A 44 -24.06 -13.62 -0.02
C TYR A 44 -23.99 -15.11 0.24
N VAL A 45 -23.87 -15.48 1.51
CA VAL A 45 -23.85 -16.86 1.95
C VAL A 45 -24.77 -16.95 3.17
N ALA A 46 -25.79 -17.80 3.11
CA ALA A 46 -26.71 -17.95 4.22
C ALA A 46 -26.74 -19.38 4.74
N PHE A 47 -26.98 -19.53 6.04
CA PHE A 47 -27.06 -20.82 6.69
C PHE A 47 -28.45 -20.93 7.34
N THR A 48 -29.19 -22.00 7.06
CA THR A 48 -30.52 -22.23 7.62
C THR A 48 -30.51 -23.52 8.48
N ASP A 49 -31.68 -23.94 8.99
CA ASP A 49 -31.82 -25.18 9.73
C ASP A 49 -31.54 -26.39 8.82
N THR A 50 -31.71 -26.25 7.49
CA THR A 50 -31.51 -27.37 6.57
C THR A 50 -30.40 -27.21 5.52
N GLU A 51 -30.12 -25.98 5.06
CA GLU A 51 -29.20 -25.81 3.95
C GLU A 51 -28.27 -24.58 3.99
N ARG A 52 -27.25 -24.61 3.11
CA ARG A 52 -26.31 -23.53 2.90
C ARG A 52 -26.64 -22.93 1.53
N LEU A 53 -27.08 -21.67 1.52
CA LEU A 53 -27.48 -20.96 0.32
C LEU A 53 -26.40 -19.98 -0.12
N ILE A 54 -26.18 -19.85 -1.44
CA ILE A 54 -25.18 -18.92 -1.96
C ILE A 54 -25.78 -18.15 -3.12
N GLY A 55 -25.53 -16.85 -3.16
CA GLY A 55 -25.98 -16.01 -4.25
C GLY A 55 -27.37 -15.48 -4.08
N ASP A 56 -28.16 -15.57 -5.15
CA ASP A 56 -29.54 -15.10 -5.18
C ASP A 56 -30.39 -15.70 -4.08
N ALA A 57 -30.31 -17.02 -3.86
CA ALA A 57 -31.11 -17.67 -2.82
C ALA A 57 -30.75 -17.13 -1.43
N ALA A 58 -29.47 -16.85 -1.17
CA ALA A 58 -29.04 -16.28 0.11
C ALA A 58 -29.53 -14.83 0.26
N LYS A 59 -29.36 -13.98 -0.77
CA LYS A 59 -29.83 -12.59 -0.68
C LYS A 59 -31.36 -12.52 -0.52
N ASN A 60 -32.08 -13.42 -1.21
CA ASN A 60 -33.54 -13.41 -1.20
C ASN A 60 -34.14 -13.69 0.17
N GLN A 61 -33.48 -14.51 1.02
CA GLN A 61 -34.00 -14.78 2.36
C GLN A 61 -33.29 -13.95 3.45
N ALA A 62 -32.51 -12.91 3.08
CA ALA A 62 -31.78 -12.11 4.05
C ALA A 62 -32.63 -11.48 5.13
N SER A 63 -33.79 -10.89 4.78
CA SER A 63 -34.66 -10.26 5.78
C SER A 63 -35.32 -11.26 6.72
N ARG A 64 -35.50 -12.53 6.28
CA ARG A 64 -36.08 -13.59 7.13
C ARG A 64 -35.06 -14.28 8.02
N ASN A 65 -33.76 -14.13 7.70
CA ASN A 65 -32.71 -14.83 8.43
C ASN A 65 -31.49 -13.89 8.56
N PRO A 66 -31.68 -12.68 9.15
CA PRO A 66 -30.58 -11.70 9.18
C PRO A 66 -29.32 -12.15 9.88
N GLU A 67 -29.47 -12.89 10.97
CA GLU A 67 -28.35 -13.32 11.80
C GLU A 67 -27.43 -14.32 11.13
N ASN A 68 -27.98 -15.13 10.23
CA ASN A 68 -27.23 -16.21 9.58
C ASN A 68 -27.00 -16.00 8.08
N THR A 69 -27.20 -14.77 7.60
CA THR A 69 -26.96 -14.39 6.24
C THR A 69 -25.73 -13.47 6.22
N VAL A 70 -24.64 -13.97 5.65
CA VAL A 70 -23.37 -13.27 5.60
C VAL A 70 -23.20 -12.58 4.26
N PHE A 71 -22.69 -11.35 4.30
CA PHE A 71 -22.33 -10.52 3.16
C PHE A 71 -21.18 -9.60 3.62
N ASP A 72 -20.58 -8.81 2.73
CA ASP A 72 -19.48 -7.90 3.08
C ASP A 72 -18.23 -8.60 3.57
N ALA A 73 -18.05 -9.91 3.28
CA ALA A 73 -16.81 -10.59 3.71
C ALA A 73 -15.58 -9.93 3.09
N LYS A 74 -15.71 -9.26 1.91
CA LYS A 74 -14.62 -8.52 1.27
C LYS A 74 -14.10 -7.37 2.16
N ARG A 75 -14.97 -6.84 3.06
CA ARG A 75 -14.51 -5.81 4.01
C ARG A 75 -13.69 -6.39 5.15
N LEU A 76 -13.74 -7.71 5.36
CA LEU A 76 -13.00 -8.36 6.43
C LEU A 76 -11.84 -9.21 5.92
N ILE A 77 -11.85 -9.63 4.65
CA ILE A 77 -10.84 -10.55 4.13
C ILE A 77 -9.41 -9.99 4.27
N GLY A 78 -8.52 -10.78 4.88
CA GLY A 78 -7.13 -10.40 5.10
C GLY A 78 -6.92 -9.32 6.14
N ARG A 79 -7.96 -8.97 6.90
CA ARG A 79 -7.84 -7.98 7.95
C ARG A 79 -7.71 -8.61 9.36
N LYS A 80 -7.12 -7.88 10.28
CA LYS A 80 -7.09 -8.25 11.69
C LYS A 80 -8.40 -7.68 12.27
N PHE A 81 -9.07 -8.45 13.11
CA PHE A 81 -10.34 -8.03 13.71
C PHE A 81 -10.22 -6.68 14.44
N SER A 82 -9.04 -6.39 14.99
CA SER A 82 -8.79 -5.16 15.77
C SER A 82 -8.64 -3.90 14.92
N GLU A 83 -8.49 -4.02 13.59
CA GLU A 83 -8.36 -2.87 12.69
C GLU A 83 -9.56 -1.91 12.86
N THR A 84 -9.33 -0.59 12.75
CA THR A 84 -10.42 0.37 12.97
C THR A 84 -11.51 0.26 11.97
N THR A 85 -11.19 -0.18 10.73
CA THR A 85 -12.14 -0.40 9.67
C THR A 85 -13.19 -1.43 10.10
N VAL A 86 -12.75 -2.54 10.70
CA VAL A 86 -13.66 -3.58 11.16
C VAL A 86 -14.61 -3.04 12.29
N GLN A 87 -14.05 -2.29 13.23
CA GLN A 87 -14.84 -1.75 14.35
C GLN A 87 -15.95 -0.84 13.85
N SER A 88 -15.64 -0.05 12.85
CA SER A 88 -16.51 0.90 12.23
C SER A 88 -17.57 0.23 11.33
N ASP A 89 -17.17 -0.76 10.52
CA ASP A 89 -18.09 -1.43 9.60
C ASP A 89 -19.07 -2.35 10.31
N MET A 90 -18.67 -2.94 11.43
CA MET A 90 -19.47 -3.96 12.08
C MET A 90 -20.86 -3.50 12.56
N LYS A 91 -21.05 -2.17 12.72
CA LYS A 91 -22.36 -1.62 13.07
C LYS A 91 -23.42 -1.92 12.01
N HIS A 92 -22.98 -2.08 10.73
CA HIS A 92 -23.82 -2.35 9.58
C HIS A 92 -24.18 -3.85 9.41
N TRP A 93 -23.62 -4.74 10.25
CA TRP A 93 -23.83 -6.18 10.06
C TRP A 93 -24.75 -6.81 11.07
N PRO A 94 -25.84 -7.45 10.60
CA PRO A 94 -26.71 -8.17 11.54
C PRO A 94 -26.10 -9.47 12.02
N PHE A 95 -25.07 -9.99 11.35
CA PHE A 95 -24.39 -11.22 11.73
C PHE A 95 -23.29 -10.92 12.71
N THR A 96 -22.93 -11.91 13.53
CA THR A 96 -21.91 -11.74 14.56
C THR A 96 -20.50 -11.99 14.05
N VAL A 97 -19.56 -11.09 14.39
CA VAL A 97 -18.16 -11.22 14.02
C VAL A 97 -17.37 -10.98 15.30
N LYS A 98 -16.50 -11.93 15.65
CA LYS A 98 -15.64 -11.87 16.83
C LYS A 98 -14.20 -12.09 16.39
N GLY A 99 -13.25 -11.77 17.26
CA GLY A 99 -11.83 -11.98 16.98
C GLY A 99 -11.32 -13.30 17.53
N GLY A 100 -10.59 -14.02 16.71
CA GLY A 100 -9.98 -15.28 17.14
C GLY A 100 -8.67 -15.04 17.88
N SER A 101 -8.09 -16.11 18.44
CA SER A 101 -6.80 -16.00 19.16
C SER A 101 -5.65 -15.62 18.20
N ASP A 102 -5.80 -15.92 16.90
CA ASP A 102 -4.84 -15.52 15.87
C ASP A 102 -5.08 -14.04 15.38
N GLY A 103 -6.05 -13.34 15.96
CA GLY A 103 -6.41 -11.98 15.59
C GLY A 103 -7.28 -11.86 14.35
N LYS A 104 -7.60 -13.00 13.70
CA LYS A 104 -8.41 -13.00 12.50
C LYS A 104 -9.89 -12.93 12.87
N PRO A 105 -10.70 -12.28 12.02
CA PRO A 105 -12.15 -12.25 12.25
C PRO A 105 -12.76 -13.64 12.07
N MET A 106 -13.76 -13.95 12.89
CA MET A 106 -14.52 -15.19 12.88
C MET A 106 -15.99 -14.82 12.75
N ILE A 107 -16.62 -15.18 11.65
CA ILE A 107 -18.03 -14.90 11.42
C ILE A 107 -18.83 -16.05 12.02
N GLU A 108 -19.71 -15.74 12.98
CA GLU A 108 -20.49 -16.74 13.72
C GLU A 108 -21.92 -16.81 13.26
N VAL A 109 -22.34 -17.99 12.83
CA VAL A 109 -23.70 -18.25 12.36
C VAL A 109 -24.23 -19.55 13.00
N SER A 110 -25.51 -19.83 12.83
CA SER A 110 -26.12 -21.08 13.21
C SER A 110 -26.45 -21.81 11.89
N TYR A 111 -26.06 -23.08 11.79
CA TYR A 111 -26.28 -23.91 10.61
C TYR A 111 -26.72 -25.29 11.10
N GLN A 112 -27.96 -25.69 10.76
CA GLN A 112 -28.54 -26.97 11.18
C GLN A 112 -28.56 -27.12 12.72
N GLY A 113 -28.96 -26.05 13.40
CA GLY A 113 -29.06 -26.01 14.85
C GLY A 113 -27.73 -25.96 15.59
N GLU A 114 -26.62 -25.75 14.87
CA GLU A 114 -25.30 -25.72 15.50
C GLU A 114 -24.57 -24.40 15.26
N LYS A 115 -23.81 -23.93 16.28
CA LYS A 115 -22.99 -22.72 16.15
C LYS A 115 -21.77 -23.04 15.26
N LYS A 116 -21.55 -22.28 14.19
CA LYS A 116 -20.43 -22.45 13.27
C LYS A 116 -19.67 -21.12 13.12
N THR A 117 -18.35 -21.18 12.95
CA THR A 117 -17.52 -19.99 12.73
C THR A 117 -16.74 -20.12 11.43
N PHE A 118 -16.58 -19.01 10.73
CA PHE A 118 -15.86 -19.00 9.47
C PHE A 118 -14.94 -17.81 9.38
N HIS A 119 -13.78 -18.01 8.79
CA HIS A 119 -12.89 -16.91 8.47
C HIS A 119 -13.48 -16.23 7.21
N PRO A 120 -13.17 -14.94 7.00
CA PRO A 120 -13.68 -14.25 5.81
C PRO A 120 -13.33 -14.94 4.50
N GLU A 121 -12.12 -15.53 4.40
CA GLU A 121 -11.73 -16.23 3.17
C GLU A 121 -12.55 -17.52 2.94
N GLU A 122 -13.13 -18.10 4.01
CA GLU A 122 -13.98 -19.28 3.86
C GLU A 122 -15.32 -18.87 3.27
N ILE A 123 -15.86 -17.72 3.71
CA ILE A 123 -17.11 -17.20 3.13
C ILE A 123 -16.86 -16.83 1.66
N SER A 124 -15.73 -16.16 1.38
CA SER A 124 -15.40 -15.78 0.01
C SER A 124 -15.16 -16.99 -0.87
N SER A 125 -14.59 -18.07 -0.30
CA SER A 125 -14.37 -19.33 -1.05
C SER A 125 -15.71 -19.93 -1.48
N MET A 126 -16.78 -19.77 -0.67
CA MET A 126 -18.11 -20.26 -1.07
C MET A 126 -18.69 -19.46 -2.23
N VAL A 127 -18.44 -18.14 -2.25
CA VAL A 127 -18.89 -17.31 -3.36
C VAL A 127 -18.11 -17.71 -4.63
N LEU A 128 -16.80 -17.90 -4.49
CA LEU A 128 -15.95 -18.28 -5.60
C LEU A 128 -16.33 -19.64 -6.16
N LYS A 129 -16.69 -20.58 -5.27
CA LYS A 129 -17.12 -21.93 -5.66
C LYS A 129 -18.42 -21.87 -6.45
N LYS A 130 -19.36 -21.02 -6.03
CA LYS A 130 -20.59 -20.80 -6.76
C LYS A 130 -20.30 -20.24 -8.16
N MET A 131 -19.37 -19.27 -8.29
CA MET A 131 -19.04 -18.69 -9.60
C MET A 131 -18.37 -19.72 -10.50
N LYS A 132 -17.52 -20.60 -9.91
CA LYS A 132 -16.86 -21.70 -10.61
C LYS A 132 -17.95 -22.62 -11.17
N GLU A 133 -18.97 -22.96 -10.33
CA GLU A 133 -20.09 -23.81 -10.73
C GLU A 133 -20.95 -23.18 -11.80
N VAL A 134 -21.16 -21.86 -11.75
CA VAL A 134 -21.91 -21.13 -12.77
C VAL A 134 -21.21 -21.31 -14.13
N ALA A 135 -19.87 -21.20 -14.17
CA ALA A 135 -19.12 -21.36 -15.41
C ALA A 135 -19.16 -22.82 -15.86
N GLU A 136 -19.04 -23.77 -14.91
CA GLU A 136 -19.05 -25.20 -15.20
C GLU A 136 -20.37 -25.67 -15.79
N THR A 137 -21.51 -25.18 -15.27
CA THR A 137 -22.83 -25.52 -15.80
C THR A 137 -22.94 -25.04 -17.23
N TYR A 138 -22.44 -23.84 -17.52
CA TYR A 138 -22.47 -23.28 -18.86
C TYR A 138 -21.56 -24.06 -19.83
N LEU A 139 -20.33 -24.34 -19.42
CA LEU A 139 -19.38 -25.06 -20.28
C LEU A 139 -19.63 -26.56 -20.38
N GLY A 140 -20.33 -27.12 -19.41
CA GLY A 140 -20.58 -28.55 -19.31
C GLY A 140 -19.31 -29.33 -19.01
N LYS A 141 -18.26 -28.65 -18.48
CA LYS A 141 -16.96 -29.22 -18.19
C LYS A 141 -16.38 -28.61 -16.92
N PRO A 142 -15.54 -29.34 -16.16
CA PRO A 142 -14.92 -28.75 -14.97
C PRO A 142 -13.93 -27.64 -15.33
N VAL A 143 -13.82 -26.62 -14.44
CA VAL A 143 -12.97 -25.44 -14.59
C VAL A 143 -11.99 -25.44 -13.44
N LYS A 144 -10.69 -25.27 -13.71
CA LYS A 144 -9.68 -25.27 -12.64
C LYS A 144 -8.96 -23.93 -12.53
N ASN A 145 -8.68 -23.27 -13.64
CA ASN A 145 -7.87 -22.07 -13.65
C ASN A 145 -8.71 -20.82 -13.63
N ALA A 146 -8.22 -19.78 -12.92
CA ALA A 146 -8.95 -18.53 -12.80
C ALA A 146 -8.06 -17.37 -12.53
N VAL A 147 -8.48 -16.19 -12.98
CA VAL A 147 -7.89 -14.91 -12.60
C VAL A 147 -8.95 -14.27 -11.71
N ILE A 148 -8.56 -13.86 -10.49
CA ILE A 148 -9.46 -13.19 -9.56
C ILE A 148 -8.98 -11.74 -9.36
N THR A 149 -9.92 -10.80 -9.38
CA THR A 149 -9.61 -9.39 -9.22
C THR A 149 -9.78 -8.93 -7.79
N VAL A 150 -9.05 -7.87 -7.43
CA VAL A 150 -9.13 -7.23 -6.12
C VAL A 150 -9.00 -5.70 -6.32
N PRO A 151 -9.46 -4.89 -5.36
CA PRO A 151 -9.25 -3.44 -5.48
C PRO A 151 -7.77 -3.10 -5.51
N ALA A 152 -7.40 -2.04 -6.24
CA ALA A 152 -6.00 -1.62 -6.32
C ALA A 152 -5.38 -1.32 -4.93
N TYR A 153 -6.17 -0.85 -3.95
CA TYR A 153 -5.63 -0.52 -2.63
C TYR A 153 -5.44 -1.74 -1.72
N PHE A 154 -5.90 -2.94 -2.13
CA PHE A 154 -5.74 -4.14 -1.31
C PHE A 154 -4.28 -4.40 -1.01
N ASN A 155 -3.97 -4.64 0.25
CA ASN A 155 -2.59 -4.90 0.69
C ASN A 155 -2.23 -6.37 0.46
N ASP A 156 -0.99 -6.77 0.78
CA ASP A 156 -0.53 -8.13 0.58
C ASP A 156 -1.40 -9.14 1.34
N SER A 157 -1.83 -8.80 2.55
CA SER A 157 -2.62 -9.71 3.35
C SER A 157 -4.00 -9.93 2.73
N GLN A 158 -4.61 -8.88 2.21
CA GLN A 158 -5.92 -8.96 1.56
C GLN A 158 -5.83 -9.73 0.26
N ARG A 159 -4.74 -9.53 -0.51
CA ARG A 159 -4.54 -10.26 -1.77
C ARG A 159 -4.29 -11.73 -1.53
N GLN A 160 -3.47 -12.06 -0.53
CA GLN A 160 -3.14 -13.43 -0.21
C GLN A 160 -4.35 -14.18 0.30
N ALA A 161 -5.17 -13.53 1.15
CA ALA A 161 -6.38 -14.17 1.66
C ALA A 161 -7.40 -14.41 0.51
N THR A 162 -7.45 -13.50 -0.48
CA THR A 162 -8.31 -13.67 -1.64
C THR A 162 -7.83 -14.87 -2.50
N LYS A 163 -6.50 -15.02 -2.63
CA LYS A 163 -5.89 -16.12 -3.37
C LYS A 163 -6.20 -17.42 -2.65
N ASP A 164 -6.07 -17.44 -1.31
CA ASP A 164 -6.39 -18.60 -0.46
C ASP A 164 -7.88 -18.98 -0.61
N ALA A 165 -8.77 -18.00 -0.68
CA ALA A 165 -10.20 -18.27 -0.90
C ALA A 165 -10.41 -19.02 -2.23
N GLY A 166 -9.65 -18.65 -3.25
CA GLY A 166 -9.67 -19.31 -4.54
C GLY A 166 -9.20 -20.74 -4.44
N ALA A 167 -8.09 -20.98 -3.72
CA ALA A 167 -7.55 -22.34 -3.54
C ALA A 167 -8.54 -23.22 -2.80
N ILE A 168 -9.17 -22.71 -1.75
CA ILE A 168 -10.19 -23.42 -0.99
C ILE A 168 -11.38 -23.79 -1.90
N ALA A 169 -11.74 -22.90 -2.85
CA ALA A 169 -12.83 -23.14 -3.81
C ALA A 169 -12.48 -24.17 -4.91
N GLY A 170 -11.23 -24.64 -4.94
CA GLY A 170 -10.77 -25.60 -5.94
C GLY A 170 -10.24 -24.95 -7.21
N LEU A 171 -9.87 -23.68 -7.14
CA LEU A 171 -9.34 -22.96 -8.28
C LEU A 171 -7.85 -22.85 -8.16
N ASN A 172 -7.18 -22.92 -9.29
CA ASN A 172 -5.76 -22.69 -9.40
C ASN A 172 -5.74 -21.23 -9.84
N VAL A 173 -5.37 -20.34 -8.93
CA VAL A 173 -5.37 -18.93 -9.21
C VAL A 173 -4.13 -18.55 -10.01
N LEU A 174 -4.33 -18.32 -11.30
CA LEU A 174 -3.24 -17.94 -12.19
C LEU A 174 -2.65 -16.64 -11.78
N ARG A 175 -3.50 -15.68 -11.35
CA ARG A 175 -3.06 -14.37 -10.92
C ARG A 175 -4.18 -13.63 -10.25
N ILE A 176 -3.81 -12.74 -9.31
CA ILE A 176 -4.67 -11.76 -8.65
C ILE A 176 -4.34 -10.46 -9.36
N ILE A 177 -5.32 -9.79 -9.97
CA ILE A 177 -5.05 -8.52 -10.66
C ILE A 177 -5.96 -7.42 -10.10
N ASN A 178 -5.61 -6.15 -10.36
CA ASN A 178 -6.41 -5.02 -9.88
C ASN A 178 -7.68 -4.84 -10.68
N GLU A 179 -8.75 -4.49 -9.99
CA GLU A 179 -10.05 -4.22 -10.60
C GLU A 179 -9.99 -3.11 -11.66
N PRO A 180 -9.38 -1.93 -11.38
CA PRO A 180 -9.33 -0.89 -12.41
C PRO A 180 -8.57 -1.32 -13.64
N THR A 181 -7.49 -2.09 -13.47
CA THR A 181 -6.70 -2.59 -14.57
C THR A 181 -7.53 -3.57 -15.38
N ALA A 182 -8.31 -4.46 -14.73
CA ALA A 182 -9.17 -5.40 -15.42
C ALA A 182 -10.20 -4.67 -16.29
N ALA A 183 -10.76 -3.58 -15.76
CA ALA A 183 -11.74 -2.79 -16.49
C ALA A 183 -11.09 -2.16 -17.74
N ALA A 184 -9.86 -1.69 -17.62
CA ALA A 184 -9.13 -1.08 -18.74
C ALA A 184 -8.80 -2.13 -19.80
N ILE A 185 -8.40 -3.34 -19.38
CA ILE A 185 -8.12 -4.44 -20.29
C ILE A 185 -9.41 -4.85 -21.03
N ALA A 186 -10.59 -4.84 -20.38
CA ALA A 186 -11.86 -5.18 -21.03
C ALA A 186 -12.09 -4.29 -22.26
N TYR A 187 -11.75 -2.99 -22.15
CA TYR A 187 -11.95 -2.06 -23.25
C TYR A 187 -10.84 -2.07 -24.31
N GLY A 188 -9.86 -2.97 -24.18
CA GLY A 188 -8.75 -3.09 -25.11
C GLY A 188 -7.88 -1.85 -25.16
N LEU A 189 -7.87 -1.06 -24.06
CA LEU A 189 -7.10 0.16 -24.00
C LEU A 189 -5.60 -0.11 -24.00
N ASP A 190 -5.16 -1.36 -23.68
CA ASP A 190 -3.75 -1.75 -23.79
C ASP A 190 -3.33 -1.97 -25.26
N LYS A 191 -4.26 -2.35 -26.12
CA LYS A 191 -3.97 -2.57 -27.52
C LYS A 191 -4.23 -1.29 -28.35
N LYS A 192 -5.46 -0.72 -28.24
CA LYS A 192 -6.00 0.45 -28.97
C LYS A 192 -5.04 1.63 -29.08
N GLY A 193 -4.77 2.03 -30.32
CA GLY A 193 -3.86 3.13 -30.62
C GLY A 193 -2.43 2.79 -30.24
N LYS A 194 -1.71 3.79 -29.71
CA LYS A 194 -0.32 3.66 -29.23
C LYS A 194 0.12 4.95 -28.48
N GLY A 195 1.26 4.88 -27.79
CA GLY A 195 1.72 5.99 -26.99
C GLY A 195 1.06 5.99 -25.62
N GLU A 196 1.52 6.88 -24.73
CA GLU A 196 1.01 6.96 -23.36
C GLU A 196 -0.44 7.40 -23.35
N GLN A 197 -1.24 6.69 -22.56
CA GLN A 197 -2.67 6.95 -22.40
C GLN A 197 -2.96 7.06 -20.91
N ASN A 198 -3.69 8.12 -20.54
CA ASN A 198 -4.14 8.36 -19.17
C ASN A 198 -5.59 7.90 -19.08
N ILE A 199 -5.83 6.87 -18.29
CA ILE A 199 -7.16 6.27 -18.17
C ILE A 199 -7.72 6.51 -16.77
N LEU A 200 -8.95 7.07 -16.67
CA LEU A 200 -9.61 7.21 -15.39
C LEU A 200 -10.69 6.13 -15.25
N ILE A 201 -10.60 5.29 -14.23
CA ILE A 201 -11.63 4.29 -13.94
C ILE A 201 -12.51 4.87 -12.83
N PHE A 202 -13.80 5.02 -13.09
CA PHE A 202 -14.77 5.53 -12.14
C PHE A 202 -15.66 4.33 -11.78
N ASP A 203 -15.42 3.76 -10.60
CA ASP A 203 -16.11 2.54 -10.15
C ASP A 203 -17.01 2.81 -8.95
N LEU A 204 -18.33 2.86 -9.14
CA LEU A 204 -19.28 3.09 -8.09
C LEU A 204 -20.21 1.86 -8.06
N GLY A 205 -20.00 1.01 -7.08
CA GLY A 205 -20.71 -0.24 -6.94
C GLY A 205 -21.83 -0.14 -5.92
N GLY A 206 -22.06 -1.21 -5.17
CA GLY A 206 -23.12 -1.25 -4.16
C GLY A 206 -22.71 -0.69 -2.83
N GLY A 207 -21.43 -0.84 -2.48
CA GLY A 207 -20.96 -0.36 -1.20
C GLY A 207 -19.77 0.55 -1.25
N THR A 208 -19.02 0.56 -2.37
CA THR A 208 -17.77 1.30 -2.46
C THR A 208 -17.67 2.16 -3.71
N PHE A 209 -16.82 3.17 -3.62
CA PHE A 209 -16.55 4.07 -4.69
C PHE A 209 -15.05 4.15 -4.81
N ASP A 210 -14.53 3.80 -5.97
CA ASP A 210 -13.12 3.77 -6.27
C ASP A 210 -12.83 4.51 -7.54
N VAL A 211 -11.90 5.46 -7.49
CA VAL A 211 -11.43 6.16 -8.66
C VAL A 211 -9.95 5.84 -8.80
N SER A 212 -9.52 5.45 -10.00
CA SER A 212 -8.13 5.08 -10.23
C SER A 212 -7.66 5.70 -11.52
N LEU A 213 -6.48 6.32 -11.46
CA LEU A 213 -5.87 6.92 -12.62
C LEU A 213 -4.73 6.02 -13.08
N LEU A 214 -4.87 5.45 -14.27
CA LEU A 214 -3.89 4.54 -14.83
C LEU A 214 -3.14 5.19 -15.96
N THR A 215 -1.93 4.75 -16.16
CA THR A 215 -1.15 5.12 -17.31
C THR A 215 -0.83 3.84 -18.04
N LEU A 216 -0.87 3.90 -19.35
CA LEU A 216 -0.58 2.76 -20.18
C LEU A 216 0.42 3.12 -21.25
N GLU A 217 1.66 2.66 -21.10
CA GLU A 217 2.65 2.83 -22.15
C GLU A 217 3.21 1.48 -22.55
N ASP A 218 2.97 1.10 -23.83
CA ASP A 218 3.47 -0.12 -24.47
C ASP A 218 2.88 -1.42 -23.89
N GLY A 219 1.55 -1.44 -23.76
CA GLY A 219 0.83 -2.60 -23.23
C GLY A 219 0.99 -2.85 -21.74
N ILE A 220 1.63 -1.93 -21.04
CA ILE A 220 1.87 -2.04 -19.61
C ILE A 220 1.03 -1.01 -18.82
N PHE A 221 0.11 -1.48 -17.96
CA PHE A 221 -0.71 -0.59 -17.13
C PHE A 221 -0.05 -0.32 -15.80
N GLU A 222 -0.08 0.91 -15.36
CA GLU A 222 0.43 1.29 -14.05
C GLU A 222 -0.64 2.13 -13.34
N VAL A 223 -0.89 1.82 -12.06
CA VAL A 223 -1.81 2.59 -11.25
C VAL A 223 -1.06 3.78 -10.70
N LYS A 224 -1.33 4.97 -11.22
CA LYS A 224 -0.66 6.19 -10.77
C LYS A 224 -1.22 6.71 -9.45
N ALA A 225 -2.53 6.79 -9.32
CA ALA A 225 -3.15 7.35 -8.14
C ALA A 225 -4.54 6.72 -7.92
N THR A 226 -4.94 6.54 -6.67
CA THR A 226 -6.25 6.00 -6.35
C THR A 226 -6.88 6.85 -5.24
N SER A 227 -8.19 6.93 -5.24
CA SER A 227 -8.94 7.62 -4.21
C SER A 227 -10.38 7.11 -4.26
N GLY A 228 -11.24 7.60 -3.38
CA GLY A 228 -12.63 7.18 -3.37
C GLY A 228 -13.20 7.26 -1.98
N ASP A 229 -14.16 6.40 -1.70
CA ASP A 229 -14.82 6.34 -0.44
C ASP A 229 -15.33 4.92 -0.26
N THR A 230 -14.76 4.20 0.71
CA THR A 230 -15.12 2.82 1.01
C THR A 230 -16.55 2.65 1.50
N HIS A 231 -17.29 3.77 1.74
CA HIS A 231 -18.67 3.71 2.19
C HIS A 231 -19.61 4.60 1.38
N LEU A 232 -19.43 4.61 0.07
CA LEU A 232 -20.31 5.36 -0.80
C LEU A 232 -20.60 4.42 -1.94
N GLY A 233 -21.86 4.07 -2.10
CA GLY A 233 -22.28 3.18 -3.16
C GLY A 233 -23.78 3.22 -3.32
N GLY A 234 -24.31 2.31 -4.13
CA GLY A 234 -25.74 2.21 -4.32
C GLY A 234 -26.53 2.05 -3.04
N GLU A 235 -25.99 1.31 -2.05
CA GLU A 235 -26.71 1.10 -0.78
C GLU A 235 -26.99 2.42 -0.04
N ASP A 236 -26.15 3.42 -0.20
CA ASP A 236 -26.32 4.73 0.41
C ASP A 236 -27.43 5.53 -0.31
N PHE A 237 -27.62 5.32 -1.62
CA PHE A 237 -28.70 5.95 -2.39
C PHE A 237 -30.02 5.26 -2.00
N ASP A 238 -29.99 3.93 -1.75
CA ASP A 238 -31.18 3.20 -1.29
C ASP A 238 -31.59 3.76 0.07
N ASN A 239 -30.62 4.01 0.97
CA ASN A 239 -30.85 4.57 2.31
C ASN A 239 -31.46 5.94 2.22
N LYS A 240 -31.10 6.74 1.21
CA LYS A 240 -31.73 8.06 1.04
C LYS A 240 -33.22 7.91 0.74
N LEU A 241 -33.59 6.90 -0.04
CA LEU A 241 -35.00 6.62 -0.34
C LEU A 241 -35.69 6.05 0.89
N VAL A 242 -35.03 5.15 1.63
CA VAL A 242 -35.58 4.57 2.88
C VAL A 242 -35.89 5.69 3.88
N ASN A 243 -34.90 6.56 4.19
CA ASN A 243 -35.09 7.69 5.11
C ASN A 243 -36.26 8.59 4.69
N PHE A 244 -36.40 8.85 3.37
CA PHE A 244 -37.51 9.67 2.88
C PHE A 244 -38.86 8.97 3.13
N CYS A 245 -38.95 7.67 2.79
CA CYS A 245 -40.17 6.87 2.94
C CYS A 245 -40.58 6.75 4.38
N VAL A 246 -39.61 6.63 5.30
CA VAL A 246 -39.85 6.55 6.75
C VAL A 246 -40.54 7.83 7.21
N GLN A 247 -40.06 8.99 6.75
CA GLN A 247 -40.64 10.28 7.06
C GLN A 247 -41.99 10.52 6.39
N ASP A 248 -42.14 10.00 5.17
CA ASP A 248 -43.38 10.10 4.42
C ASP A 248 -44.49 9.28 5.09
N PHE A 249 -44.14 8.09 5.63
CA PHE A 249 -45.06 7.21 6.35
C PHE A 249 -45.54 7.93 7.62
N LYS A 250 -44.63 8.64 8.32
CA LYS A 250 -44.94 9.41 9.52
C LYS A 250 -46.01 10.47 9.20
N LYS A 251 -45.82 11.24 8.12
CA LYS A 251 -46.77 12.29 7.70
C LYS A 251 -48.13 11.72 7.29
N LYS A 252 -48.16 10.48 6.79
CA LYS A 252 -49.40 9.84 6.34
C LYS A 252 -50.16 9.12 7.46
N ASN A 253 -49.44 8.61 8.47
CA ASN A 253 -50.00 7.77 9.51
C ASN A 253 -49.70 8.25 10.92
N GLY A 254 -50.04 9.52 11.17
CA GLY A 254 -49.96 10.19 12.46
C GLY A 254 -48.74 9.92 13.32
N GLY A 255 -47.55 10.13 12.74
CA GLY A 255 -46.27 9.98 13.41
C GLY A 255 -45.73 8.57 13.63
N LYS A 256 -46.40 7.54 13.05
CA LYS A 256 -45.93 6.15 13.20
C LYS A 256 -44.54 5.93 12.56
N ASP A 257 -43.63 5.31 13.33
CA ASP A 257 -42.22 5.16 12.97
C ASP A 257 -41.81 3.76 12.56
N VAL A 258 -41.69 3.55 11.23
CA VAL A 258 -41.28 2.29 10.62
C VAL A 258 -39.90 1.84 11.10
N SER A 259 -39.00 2.79 11.35
CA SER A 259 -37.62 2.53 11.74
C SER A 259 -37.47 1.78 13.07
N LYS A 260 -38.52 1.73 13.89
CA LYS A 260 -38.50 0.96 15.12
C LYS A 260 -38.53 -0.58 14.86
N ASN A 261 -38.99 -0.99 13.68
CA ASN A 261 -39.05 -2.40 13.28
C ASN A 261 -38.01 -2.65 12.18
N SER A 262 -36.99 -3.46 12.48
CA SER A 262 -35.90 -3.71 11.52
C SER A 262 -36.37 -4.53 10.30
N LYS A 263 -37.38 -5.40 10.48
CA LYS A 263 -37.94 -6.18 9.37
C LYS A 263 -38.68 -5.21 8.42
N SER A 264 -39.41 -4.21 8.96
CA SER A 264 -40.10 -3.21 8.15
C SER A 264 -39.10 -2.40 7.33
N LEU A 265 -37.96 -2.03 7.93
CA LEU A 265 -36.92 -1.28 7.23
C LEU A 265 -36.32 -2.10 6.08
N ARG A 266 -36.01 -3.38 6.33
CA ARG A 266 -35.41 -4.27 5.33
C ARG A 266 -36.33 -4.46 4.13
N ARG A 267 -37.62 -4.64 4.39
CA ARG A 267 -38.62 -4.80 3.33
C ARG A 267 -38.76 -3.52 2.52
N LEU A 268 -38.71 -2.37 3.19
CA LEU A 268 -38.79 -1.07 2.53
C LEU A 268 -37.54 -0.83 1.67
N ARG A 269 -36.36 -1.22 2.17
CA ARG A 269 -35.07 -1.07 1.51
C ARG A 269 -35.06 -1.89 0.21
N THR A 270 -35.64 -3.09 0.23
CA THR A 270 -35.74 -3.94 -0.95
C THR A 270 -36.52 -3.24 -2.06
N GLN A 271 -37.65 -2.61 -1.71
CA GLN A 271 -38.46 -1.88 -2.68
C GLN A 271 -37.84 -0.56 -3.11
N CYS A 272 -37.06 0.08 -2.22
CA CYS A 272 -36.38 1.34 -2.55
C CYS A 272 -35.31 1.08 -3.58
N GLU A 273 -34.57 -0.04 -3.46
CA GLU A 273 -33.55 -0.37 -4.43
C GLU A 273 -34.17 -0.67 -5.82
N LYS A 274 -35.34 -1.35 -5.85
CA LYS A 274 -36.00 -1.68 -7.11
C LYS A 274 -36.44 -0.40 -7.80
N ALA A 275 -37.05 0.55 -7.07
CA ALA A 275 -37.47 1.83 -7.60
C ALA A 275 -36.27 2.64 -8.16
N LYS A 276 -35.13 2.65 -7.44
CA LYS A 276 -33.90 3.29 -7.86
C LYS A 276 -33.46 2.77 -9.22
N ARG A 277 -33.48 1.44 -9.41
CA ARG A 277 -33.08 0.86 -10.69
C ARG A 277 -34.00 1.30 -11.82
N VAL A 278 -35.31 1.32 -11.58
CA VAL A 278 -36.32 1.76 -12.55
C VAL A 278 -36.05 3.21 -12.95
N LEU A 279 -35.74 4.06 -11.98
CA LEU A 279 -35.42 5.49 -12.19
C LEU A 279 -34.20 5.74 -13.07
N SER A 280 -33.40 4.70 -13.37
CA SER A 280 -32.25 4.86 -14.28
C SER A 280 -32.70 4.86 -15.74
N SER A 281 -33.89 4.30 -16.04
CA SER A 281 -34.40 4.27 -17.40
C SER A 281 -35.84 4.83 -17.53
N SER A 282 -36.48 5.22 -16.42
CA SER A 282 -37.81 5.83 -16.43
C SER A 282 -37.81 7.14 -15.63
N ALA A 283 -38.79 8.02 -15.88
CA ALA A 283 -38.87 9.29 -15.17
C ALA A 283 -39.52 9.18 -13.79
N GLN A 284 -40.20 8.07 -13.51
CA GLN A 284 -40.95 7.83 -12.27
C GLN A 284 -40.94 6.36 -11.89
N ALA A 285 -41.18 6.08 -10.63
CA ALA A 285 -41.25 4.72 -10.12
C ALA A 285 -42.14 4.71 -8.88
N THR A 286 -42.72 3.55 -8.55
CA THR A 286 -43.56 3.42 -7.38
C THR A 286 -42.87 2.55 -6.34
N ILE A 287 -42.88 2.99 -5.09
CA ILE A 287 -42.36 2.21 -3.96
C ILE A 287 -43.60 1.74 -3.23
N GLU A 288 -43.81 0.43 -3.16
CA GLU A 288 -44.99 -0.13 -2.54
C GLU A 288 -44.66 -1.30 -1.64
N VAL A 289 -45.11 -1.22 -0.37
CA VAL A 289 -44.93 -2.30 0.58
C VAL A 289 -46.24 -2.54 1.26
N ASP A 290 -46.86 -3.70 0.98
CA ASP A 290 -48.14 -4.04 1.58
C ASP A 290 -47.88 -4.48 3.01
N SER A 291 -48.68 -3.98 3.96
CA SER A 291 -48.57 -4.27 5.39
C SER A 291 -47.12 -4.07 5.88
N LEU A 292 -46.64 -2.84 5.72
CA LEU A 292 -45.28 -2.46 6.03
C LEU A 292 -45.02 -2.45 7.55
N PHE A 293 -45.87 -1.74 8.28
CA PHE A 293 -45.77 -1.55 9.72
C PHE A 293 -47.17 -1.40 10.29
N ASP A 294 -47.49 -2.14 11.36
CA ASP A 294 -48.81 -2.13 12.01
C ASP A 294 -49.93 -2.47 11.01
N GLY A 295 -49.66 -3.39 10.09
CA GLY A 295 -50.60 -3.81 9.06
C GLY A 295 -51.00 -2.70 8.09
N ILE A 296 -50.27 -1.58 8.10
CA ILE A 296 -50.58 -0.45 7.21
C ILE A 296 -49.84 -0.60 5.90
N ASP A 297 -50.57 -0.49 4.78
CA ASP A 297 -49.98 -0.54 3.45
C ASP A 297 -49.30 0.78 3.16
N TYR A 298 -48.16 0.71 2.46
CA TYR A 298 -47.41 1.91 2.09
C TYR A 298 -47.25 2.00 0.58
N ASN A 299 -47.44 3.20 0.04
CA ASN A 299 -47.31 3.45 -1.39
C ASN A 299 -46.86 4.89 -1.57
N VAL A 300 -45.92 5.13 -2.49
CA VAL A 300 -45.43 6.47 -2.82
C VAL A 300 -44.87 6.47 -4.26
N ASN A 301 -45.01 7.60 -4.95
CA ASN A 301 -44.46 7.73 -6.28
C ASN A 301 -43.20 8.60 -6.18
N ILE A 302 -42.09 8.13 -6.73
CA ILE A 302 -40.83 8.87 -6.71
C ILE A 302 -40.45 9.23 -8.12
N THR A 303 -40.27 10.52 -8.39
CA THR A 303 -39.81 10.96 -9.71
C THR A 303 -38.28 10.87 -9.71
N ARG A 304 -37.67 10.83 -10.90
CA ARG A 304 -36.21 10.84 -11.03
C ARG A 304 -35.64 12.11 -10.41
N ALA A 305 -36.34 13.24 -10.58
CA ALA A 305 -35.96 14.55 -10.02
C ALA A 305 -35.90 14.49 -8.49
N LYS A 306 -36.86 13.81 -7.84
CA LYS A 306 -36.86 13.72 -6.37
C LYS A 306 -35.70 12.86 -5.87
N PHE A 307 -35.42 11.75 -6.58
CA PHE A 307 -34.31 10.85 -6.26
C PHE A 307 -32.99 11.61 -6.38
N GLU A 308 -32.84 12.41 -7.46
CA GLU A 308 -31.68 13.24 -7.71
C GLU A 308 -31.49 14.29 -6.62
N GLU A 309 -32.60 14.83 -6.10
CA GLU A 309 -32.59 15.84 -5.05
C GLU A 309 -32.13 15.21 -3.73
N LEU A 310 -32.69 14.04 -3.35
CA LEU A 310 -32.31 13.34 -2.13
C LEU A 310 -30.83 12.96 -2.12
N CYS A 311 -30.27 12.63 -3.30
CA CYS A 311 -28.89 12.17 -3.46
C CYS A 311 -27.92 13.20 -4.00
N MET A 312 -28.40 14.44 -4.24
CA MET A 312 -27.68 15.56 -4.84
C MET A 312 -26.24 15.73 -4.37
N ASP A 313 -26.03 15.80 -3.05
CA ASP A 313 -24.71 15.99 -2.48
C ASP A 313 -23.84 14.76 -2.69
N GLN A 314 -24.38 13.58 -2.48
CA GLN A 314 -23.65 12.33 -2.66
C GLN A 314 -23.19 12.13 -4.09
N PHE A 315 -24.04 12.50 -5.07
CA PHE A 315 -23.71 12.38 -6.49
C PHE A 315 -22.60 13.37 -6.86
N ARG A 316 -22.75 14.63 -6.45
CA ARG A 316 -21.76 15.68 -6.73
C ARG A 316 -20.43 15.36 -6.07
N ASN A 317 -20.45 14.82 -4.84
CA ASN A 317 -19.23 14.49 -4.12
C ASN A 317 -18.41 13.37 -4.74
N THR A 318 -18.99 12.62 -5.75
CA THR A 318 -18.21 11.62 -6.46
C THR A 318 -17.07 12.28 -7.26
N LEU A 319 -17.21 13.58 -7.59
CA LEU A 319 -16.17 14.30 -8.31
C LEU A 319 -14.98 14.66 -7.44
N ILE A 320 -15.15 14.72 -6.11
CA ILE A 320 -14.05 15.05 -5.19
C ILE A 320 -12.88 14.02 -5.32
N PRO A 321 -13.11 12.69 -5.24
CA PRO A 321 -12.00 11.74 -5.47
C PRO A 321 -11.43 11.77 -6.90
N VAL A 322 -12.22 12.24 -7.88
CA VAL A 322 -11.72 12.39 -9.25
C VAL A 322 -10.69 13.53 -9.26
N GLU A 323 -11.02 14.66 -8.61
CA GLU A 323 -10.11 15.80 -8.51
C GLU A 323 -8.89 15.40 -7.72
N LYS A 324 -9.06 14.62 -6.65
CA LYS A 324 -7.93 14.15 -5.84
C LYS A 324 -6.95 13.28 -6.62
N VAL A 325 -7.41 12.27 -7.43
CA VAL A 325 -6.46 11.45 -8.19
C VAL A 325 -5.71 12.28 -9.23
N LEU A 326 -6.37 13.27 -9.83
CA LEU A 326 -5.73 14.10 -10.84
C LEU A 326 -4.65 14.95 -10.17
N LYS A 327 -4.94 15.52 -8.98
CA LYS A 327 -4.00 16.28 -8.18
C LYS A 327 -2.81 15.41 -7.77
N ASP A 328 -3.06 14.19 -7.21
CA ASP A 328 -1.98 13.27 -6.80
C ASP A 328 -1.11 12.88 -7.98
N ALA A 329 -1.71 12.62 -9.14
CA ALA A 329 -0.94 12.26 -10.34
C ALA A 329 -0.32 13.47 -11.04
N LYS A 330 -0.54 14.69 -10.51
CA LYS A 330 -0.05 15.94 -11.06
C LYS A 330 -0.45 16.09 -12.53
N MET A 331 -1.74 15.90 -12.83
CA MET A 331 -2.21 16.09 -14.19
C MET A 331 -3.56 16.74 -14.25
N ASP A 332 -3.84 17.39 -15.39
CA ASP A 332 -5.06 18.12 -15.67
C ASP A 332 -6.13 17.16 -16.19
N LYS A 333 -7.41 17.47 -15.93
CA LYS A 333 -8.52 16.65 -16.40
C LYS A 333 -8.55 16.50 -17.91
N SER A 334 -8.02 17.50 -18.64
CA SER A 334 -7.94 17.49 -20.11
C SER A 334 -6.99 16.42 -20.62
N GLN A 335 -6.03 15.98 -19.78
CA GLN A 335 -5.06 14.93 -20.13
C GLN A 335 -5.61 13.51 -20.02
N VAL A 336 -6.87 13.33 -19.57
CA VAL A 336 -7.47 12.00 -19.47
C VAL A 336 -8.03 11.60 -20.85
N HIS A 337 -7.49 10.51 -21.42
CA HIS A 337 -7.85 9.98 -22.74
C HIS A 337 -9.11 9.15 -22.70
N GLU A 338 -9.33 8.36 -21.65
CA GLU A 338 -10.56 7.55 -21.52
C GLU A 338 -11.07 7.58 -20.09
N ILE A 339 -12.39 7.68 -19.92
CA ILE A 339 -13.10 7.60 -18.64
C ILE A 339 -13.93 6.31 -18.72
N VAL A 340 -13.62 5.30 -17.93
CA VAL A 340 -14.35 4.04 -17.95
C VAL A 340 -15.33 3.97 -16.77
N LEU A 341 -16.62 3.78 -17.07
CA LEU A 341 -17.62 3.63 -16.04
C LEU A 341 -17.73 2.17 -15.67
N VAL A 342 -17.48 1.87 -14.36
CA VAL A 342 -17.54 0.54 -13.77
C VAL A 342 -18.50 0.61 -12.55
N GLY A 343 -19.13 -0.50 -12.21
CA GLY A 343 -20.02 -0.62 -11.07
C GLY A 343 -21.45 -0.34 -11.44
N GLY A 344 -22.37 -1.08 -10.86
CA GLY A 344 -23.78 -0.93 -11.18
C GLY A 344 -24.37 0.45 -11.00
N SER A 345 -23.86 1.25 -10.07
CA SER A 345 -24.39 2.59 -9.82
C SER A 345 -24.07 3.57 -10.93
N THR A 346 -23.07 3.28 -11.79
CA THR A 346 -22.77 4.18 -12.91
C THR A 346 -23.89 4.17 -13.96
N ARG A 347 -24.95 3.33 -13.78
CA ARG A 347 -26.13 3.34 -14.66
C ARG A 347 -27.03 4.56 -14.37
N ILE A 348 -26.84 5.25 -13.22
CA ILE A 348 -27.62 6.40 -12.81
C ILE A 348 -27.34 7.54 -13.76
N PRO A 349 -28.35 8.00 -14.51
CA PRO A 349 -28.13 9.08 -15.48
C PRO A 349 -27.45 10.32 -14.96
N LYS A 350 -27.82 10.78 -13.74
CA LYS A 350 -27.24 11.96 -13.13
C LYS A 350 -25.73 11.80 -12.90
N ILE A 351 -25.28 10.61 -12.53
CA ILE A 351 -23.87 10.36 -12.32
C ILE A 351 -23.13 10.46 -13.63
N GLN A 352 -23.69 9.87 -14.71
CA GLN A 352 -23.08 9.92 -16.03
C GLN A 352 -22.98 11.36 -16.52
N GLN A 353 -24.03 12.16 -16.29
CA GLN A 353 -24.04 13.56 -16.68
C GLN A 353 -23.02 14.38 -15.91
N LEU A 354 -22.92 14.16 -14.60
CA LEU A 354 -21.93 14.88 -13.79
C LEU A 354 -20.47 14.61 -14.23
N ILE A 355 -20.14 13.34 -14.55
CA ILE A 355 -18.81 12.95 -15.00
C ILE A 355 -18.51 13.57 -16.39
N LYS A 356 -19.49 13.52 -17.31
CA LYS A 356 -19.35 14.07 -18.64
C LYS A 356 -19.09 15.56 -18.58
N ASP A 357 -19.87 16.29 -17.76
CA ASP A 357 -19.71 17.73 -17.58
C ASP A 357 -18.35 18.04 -16.95
N PHE A 358 -17.92 17.25 -15.95
CA PHE A 358 -16.62 17.45 -15.35
C PHE A 358 -15.49 17.35 -16.39
N PHE A 359 -15.56 16.34 -17.26
CA PHE A 359 -14.58 16.13 -18.31
C PHE A 359 -14.88 16.92 -19.60
N ASN A 360 -15.58 18.04 -19.46
CA ASN A 360 -15.87 18.97 -20.55
C ASN A 360 -16.52 18.34 -21.77
N GLY A 361 -17.50 17.47 -21.53
CA GLY A 361 -18.26 16.87 -22.61
C GLY A 361 -17.74 15.57 -23.16
N LYS A 362 -16.61 15.09 -22.63
CA LYS A 362 -16.06 13.81 -23.08
C LYS A 362 -16.98 12.69 -22.72
N GLU A 363 -17.31 11.83 -23.70
CA GLU A 363 -18.18 10.69 -23.46
C GLU A 363 -17.42 9.59 -22.75
N PRO A 364 -17.94 9.11 -21.62
CA PRO A 364 -17.26 7.98 -20.94
C PRO A 364 -17.50 6.66 -21.66
N CSX A 365 -16.55 5.73 -21.53
CA CSX A 365 -16.66 4.40 -22.11
CA CSX A 365 -16.64 4.40 -22.10
CB CSX A 365 -15.28 3.78 -22.31
CB CSX A 365 -15.27 3.70 -22.08
SG CSX A 365 -14.40 4.54 -23.73
SG CSX A 365 -13.85 4.42 -23.00
C CSX A 365 -17.59 3.60 -21.19
O CSX A 365 -17.27 3.36 -20.02
OD CSX A 365 -14.58 3.83 -24.92
OD CSX A 365 -13.07 3.37 -23.57
N LYS A 366 -18.77 3.24 -21.70
CA LYS A 366 -19.77 2.48 -20.97
C LYS A 366 -20.45 1.41 -21.85
N ALA A 367 -19.82 1.02 -22.97
CA ALA A 367 -20.35 0.00 -23.90
C ALA A 367 -20.52 -1.33 -23.18
N ILE A 368 -19.58 -1.69 -22.29
CA ILE A 368 -19.69 -2.93 -21.53
C ILE A 368 -20.53 -2.65 -20.29
N ASN A 369 -21.52 -3.52 -19.97
CA ASN A 369 -22.35 -3.45 -18.75
C ASN A 369 -21.43 -3.18 -17.56
N PRO A 370 -21.59 -2.03 -16.88
CA PRO A 370 -20.56 -1.60 -15.91
C PRO A 370 -20.29 -2.57 -14.78
N ASP A 371 -21.28 -3.34 -14.38
CA ASP A 371 -21.10 -4.34 -13.34
C ASP A 371 -20.48 -5.68 -13.87
N GLU A 372 -20.11 -5.72 -15.18
CA GLU A 372 -19.48 -6.86 -15.84
C GLU A 372 -18.06 -6.54 -16.36
N ALA A 373 -17.68 -5.27 -16.48
CA ALA A 373 -16.41 -4.92 -17.09
C ALA A 373 -15.18 -5.51 -16.39
N VAL A 374 -15.20 -5.64 -15.07
CA VAL A 374 -14.10 -6.23 -14.33
C VAL A 374 -13.95 -7.72 -14.60
N ALA A 375 -15.05 -8.47 -14.56
CA ALA A 375 -15.02 -9.89 -14.90
C ALA A 375 -14.61 -10.09 -16.36
N TYR A 376 -15.04 -9.18 -17.25
CA TYR A 376 -14.76 -9.22 -18.68
C TYR A 376 -13.24 -9.10 -18.88
N GLY A 377 -12.61 -8.15 -18.19
CA GLY A 377 -11.17 -7.95 -18.25
C GLY A 377 -10.42 -9.10 -17.62
N ALA A 378 -10.90 -9.63 -16.50
CA ALA A 378 -10.25 -10.74 -15.82
C ALA A 378 -10.28 -11.97 -16.70
N ALA A 379 -11.38 -12.16 -17.48
CA ALA A 379 -11.54 -13.28 -18.40
C ALA A 379 -10.55 -13.17 -19.54
N VAL A 380 -10.31 -11.95 -20.03
CA VAL A 380 -9.34 -11.70 -21.09
C VAL A 380 -7.95 -12.06 -20.58
N GLN A 381 -7.60 -11.58 -19.38
CA GLN A 381 -6.31 -11.84 -18.77
C GLN A 381 -6.13 -13.33 -18.50
N ALA A 382 -7.20 -14.05 -18.10
CA ALA A 382 -7.14 -15.50 -17.86
C ALA A 382 -6.82 -16.27 -19.14
N ALA A 383 -7.38 -15.82 -20.26
CA ALA A 383 -7.17 -16.46 -21.56
C ALA A 383 -5.73 -16.20 -22.00
N ILE A 384 -5.22 -14.95 -21.83
CA ILE A 384 -3.84 -14.62 -22.16
C ILE A 384 -2.87 -15.48 -21.35
N LEU A 385 -3.08 -15.57 -20.04
CA LEU A 385 -2.24 -16.40 -19.18
C LEU A 385 -2.34 -17.92 -19.45
N SER A 386 -3.35 -18.34 -20.20
CA SER A 386 -3.50 -19.73 -20.60
C SER A 386 -2.90 -20.01 -22.00
N GLY A 387 -2.30 -19.00 -22.65
CA GLY A 387 -1.71 -19.14 -23.97
C GLY A 387 -2.63 -18.80 -25.14
N ASP A 388 -3.82 -18.25 -24.88
CA ASP A 388 -4.74 -17.89 -25.95
C ASP A 388 -4.56 -16.41 -26.35
N GLN A 389 -3.99 -16.15 -27.53
CA GLN A 389 -3.74 -14.79 -27.99
C GLN A 389 -4.84 -14.24 -28.93
N SER A 390 -6.05 -14.83 -28.92
CA SER A 390 -7.11 -14.42 -29.85
C SER A 390 -7.76 -13.06 -29.55
N SER A 391 -7.77 -12.64 -28.29
CA SER A 391 -8.37 -11.34 -27.90
C SER A 391 -7.54 -10.15 -28.45
N ALA A 392 -6.21 -10.36 -28.63
CA ALA A 392 -5.26 -9.38 -29.16
C ALA A 392 -5.46 -9.10 -30.65
N GLU B 7 9.50 -20.73 -0.53
CA GLU B 7 9.09 -20.03 -1.76
C GLU B 7 9.11 -18.50 -1.56
N VAL B 8 8.63 -18.00 -0.40
CA VAL B 8 8.62 -16.54 -0.18
C VAL B 8 10.01 -16.03 0.09
N ALA B 9 10.47 -15.09 -0.74
CA ALA B 9 11.78 -14.47 -0.57
C ALA B 9 11.57 -13.00 -0.17
N ILE B 10 12.51 -12.48 0.62
CA ILE B 10 12.43 -11.11 1.10
C ILE B 10 13.55 -10.22 0.55
N GLY B 11 13.29 -8.94 0.53
CA GLY B 11 14.29 -7.95 0.15
C GLY B 11 14.65 -7.18 1.40
N ILE B 12 15.94 -7.03 1.68
CA ILE B 12 16.38 -6.30 2.87
C ILE B 12 17.31 -5.16 2.50
N ASP B 13 16.95 -3.94 2.92
CA ASP B 13 17.83 -2.80 2.84
C ASP B 13 18.56 -2.81 4.19
N LEU B 14 19.86 -3.21 4.19
CA LEU B 14 20.67 -3.22 5.41
C LEU B 14 21.35 -1.84 5.45
N GLY B 15 20.64 -0.87 6.02
CA GLY B 15 21.10 0.51 6.06
C GLY B 15 22.08 0.84 7.15
N THR B 16 22.77 1.98 7.02
CA THR B 16 23.74 2.42 8.00
C THR B 16 23.06 2.69 9.33
N THR B 17 21.96 3.43 9.30
CA THR B 17 21.24 3.84 10.50
C THR B 17 19.94 3.05 10.62
N TYR B 18 19.20 2.80 9.50
CA TYR B 18 17.94 2.04 9.50
C TYR B 18 17.95 0.94 8.46
N SER B 19 17.29 -0.17 8.78
CA SER B 19 17.11 -1.30 7.89
C SER B 19 15.61 -1.48 7.62
N CYS B 20 15.28 -2.10 6.49
CA CYS B 20 13.90 -2.21 6.06
C CYS B 20 13.73 -3.52 5.34
N VAL B 21 12.58 -4.19 5.54
CA VAL B 21 12.33 -5.47 4.89
C VAL B 21 11.00 -5.45 4.11
N GLY B 22 11.03 -6.06 2.93
CA GLY B 22 9.85 -6.12 2.10
C GLY B 22 9.64 -7.47 1.45
N ILE B 23 8.41 -7.70 1.00
CA ILE B 23 8.05 -8.90 0.24
C ILE B 23 7.27 -8.44 -0.99
N CYS B 24 7.49 -9.10 -2.12
CA CYS B 24 6.75 -8.81 -3.34
C CYS B 24 5.97 -10.06 -3.67
N ARG B 25 4.66 -9.93 -3.81
CA ARG B 25 3.80 -11.08 -3.99
C ARG B 25 2.52 -10.59 -4.58
N ASN B 26 1.99 -11.32 -5.57
CA ASN B 26 0.73 -10.91 -6.22
C ASN B 26 0.83 -9.51 -6.84
N GLY B 27 2.04 -9.17 -7.32
CA GLY B 27 2.33 -7.89 -7.95
C GLY B 27 2.34 -6.70 -7.00
N VAL B 28 2.32 -6.94 -5.67
CA VAL B 28 2.34 -5.87 -4.69
C VAL B 28 3.53 -6.03 -3.77
N VAL B 29 4.14 -4.92 -3.36
CA VAL B 29 5.22 -4.96 -2.40
C VAL B 29 4.70 -4.54 -1.06
N ASP B 30 4.95 -5.33 -0.03
CA ASP B 30 4.60 -4.99 1.32
C ASP B 30 5.91 -4.71 2.11
N ILE B 31 6.03 -3.49 2.64
CA ILE B 31 7.12 -3.16 3.52
C ILE B 31 6.58 -3.51 4.91
N ILE B 32 7.18 -4.52 5.52
CA ILE B 32 6.70 -5.10 6.76
C ILE B 32 7.11 -4.32 8.01
N ALA B 33 6.11 -3.95 8.82
CA ALA B 33 6.29 -3.25 10.07
C ALA B 33 6.84 -4.21 11.14
N ASN B 34 7.66 -3.70 12.05
CA ASN B 34 8.23 -4.49 13.13
C ASN B 34 7.24 -4.52 14.35
N ASP B 35 7.67 -5.09 15.52
CA ASP B 35 6.89 -5.18 16.76
C ASP B 35 6.31 -3.89 17.24
N GLN B 36 6.99 -2.77 17.00
CA GLN B 36 6.51 -1.46 17.45
C GLN B 36 5.68 -0.72 16.39
N GLY B 37 5.37 -1.37 15.26
CA GLY B 37 4.65 -0.77 14.15
C GLY B 37 5.53 0.07 13.24
N ASN B 38 6.86 -0.01 13.39
CA ASN B 38 7.77 0.80 12.56
C ASN B 38 8.13 0.07 11.26
N ARG B 39 8.00 0.78 10.12
CA ARG B 39 8.27 0.23 8.79
C ARG B 39 9.76 0.13 8.47
N THR B 40 10.63 0.74 9.31
CA THR B 40 12.08 0.69 9.30
C THR B 40 12.54 0.41 10.74
N THR B 41 13.71 -0.22 10.90
CA THR B 41 14.22 -0.64 12.19
C THR B 41 15.64 -0.17 12.30
N PRO B 42 16.00 0.51 13.42
CA PRO B 42 17.39 0.96 13.57
C PRO B 42 18.41 -0.19 13.46
N SER B 43 19.54 0.06 12.77
CA SER B 43 20.61 -0.90 12.60
C SER B 43 21.50 -0.80 13.89
N TYR B 44 20.89 -1.09 15.05
CA TYR B 44 21.50 -0.98 16.37
C TYR B 44 21.44 -2.31 17.07
N VAL B 45 22.52 -2.65 17.79
CA VAL B 45 22.62 -3.84 18.61
C VAL B 45 23.21 -3.43 19.97
N ALA B 46 22.52 -3.71 21.07
CA ALA B 46 22.98 -3.35 22.39
C ALA B 46 23.11 -4.56 23.29
N PHE B 47 24.08 -4.50 24.21
CA PHE B 47 24.34 -5.57 25.16
C PHE B 47 24.23 -4.99 26.56
N THR B 48 23.43 -5.62 27.44
CA THR B 48 23.23 -5.15 28.82
C THR B 48 23.70 -6.26 29.81
N ASP B 49 23.50 -6.07 31.12
CA ASP B 49 23.79 -7.08 32.12
C ASP B 49 22.89 -8.32 31.94
N THR B 50 21.70 -8.17 31.33
CA THR B 50 20.77 -9.29 31.17
C THR B 50 20.44 -9.70 29.73
N GLU B 51 20.44 -8.76 28.77
CA GLU B 51 19.96 -9.10 27.43
C GLU B 51 20.69 -8.46 26.24
N ARG B 52 20.40 -9.00 25.05
CA ARG B 52 20.90 -8.52 23.78
C ARG B 52 19.70 -7.91 23.06
N LEU B 53 19.73 -6.60 22.84
CA LEU B 53 18.64 -5.85 22.22
C LEU B 53 19.00 -5.51 20.77
N ILE B 54 18.01 -5.55 19.86
CA ILE B 54 18.22 -5.23 18.45
C ILE B 54 17.10 -4.31 17.97
N GLY B 55 17.45 -3.29 17.22
CA GLY B 55 16.48 -2.39 16.63
C GLY B 55 16.07 -1.26 17.53
N ASP B 56 14.74 -1.03 17.61
CA ASP B 56 14.15 0.03 18.42
C ASP B 56 14.58 -0.07 19.89
N ALA B 57 14.53 -1.26 20.50
CA ALA B 57 14.90 -1.41 21.90
C ALA B 57 16.38 -1.04 22.13
N ALA B 58 17.27 -1.37 21.19
CA ALA B 58 18.67 -0.99 21.30
C ALA B 58 18.87 0.51 21.12
N LYS B 59 18.24 1.14 20.10
CA LYS B 59 18.37 2.59 19.91
C LYS B 59 17.78 3.37 21.10
N ASN B 60 16.66 2.87 21.67
CA ASN B 60 15.97 3.54 22.76
C ASN B 60 16.82 3.65 24.04
N GLN B 61 17.70 2.67 24.32
CA GLN B 61 18.56 2.75 25.50
C GLN B 61 19.99 3.23 25.17
N ALA B 62 20.25 3.73 23.95
CA ALA B 62 21.60 4.15 23.55
C ALA B 62 22.23 5.19 24.45
N SER B 63 21.48 6.23 24.85
CA SER B 63 22.04 7.28 25.69
C SER B 63 22.33 6.79 27.14
N ARG B 64 21.63 5.75 27.61
CA ARG B 64 21.87 5.18 28.94
C ARG B 64 22.98 4.10 28.94
N ASN B 65 23.36 3.57 27.75
CA ASN B 65 24.36 2.51 27.64
C ASN B 65 25.23 2.75 26.40
N PRO B 66 25.89 3.93 26.31
CA PRO B 66 26.64 4.26 25.09
C PRO B 66 27.77 3.30 24.74
N GLU B 67 28.48 2.79 25.76
CA GLU B 67 29.63 1.92 25.54
C GLU B 67 29.29 0.56 24.95
N ASN B 68 28.10 0.04 25.24
CA ASN B 68 27.67 -1.29 24.81
C ASN B 68 26.55 -1.29 23.77
N THR B 69 26.31 -0.13 23.14
CA THR B 69 25.33 0.01 22.09
C THR B 69 26.09 0.23 20.79
N VAL B 70 26.01 -0.75 19.91
CA VAL B 70 26.72 -0.72 18.64
C VAL B 70 25.78 -0.27 17.53
N PHE B 71 26.31 0.59 16.66
CA PHE B 71 25.67 1.11 15.46
C PHE B 71 26.82 1.40 14.45
N ASP B 72 26.50 1.77 13.21
CA ASP B 72 27.50 2.08 12.18
C ASP B 72 28.40 0.90 11.81
N ALA B 73 27.96 -0.36 12.08
CA ALA B 73 28.75 -1.53 11.68
C ALA B 73 28.95 -1.57 10.17
N LYS B 74 28.04 -0.96 9.37
CA LYS B 74 28.16 -0.87 7.92
C LYS B 74 29.43 -0.06 7.51
N ARG B 75 29.89 0.86 8.37
CA ARG B 75 31.13 1.60 8.09
C ARG B 75 32.37 0.74 8.30
N LEU B 76 32.24 -0.39 9.00
CA LEU B 76 33.36 -1.29 9.28
C LEU B 76 33.29 -2.59 8.52
N ILE B 77 32.12 -3.00 8.03
CA ILE B 77 31.95 -4.32 7.42
C ILE B 77 32.86 -4.51 6.19
N GLY B 78 33.63 -5.59 6.19
CA GLY B 78 34.55 -5.91 5.11
C GLY B 78 35.79 -5.05 5.04
N ARG B 79 36.04 -4.23 6.07
CA ARG B 79 37.21 -3.36 6.10
C ARG B 79 38.31 -3.90 7.00
N LYS B 80 39.55 -3.51 6.72
CA LYS B 80 40.69 -3.81 7.59
C LYS B 80 40.71 -2.68 8.61
N PHE B 81 40.97 -3.00 9.87
CA PHE B 81 41.02 -2.02 10.96
C PHE B 81 42.01 -0.88 10.67
N SER B 82 43.09 -1.18 9.94
CA SER B 82 44.13 -0.21 9.62
C SER B 82 43.74 0.81 8.56
N GLU B 83 42.64 0.59 7.81
CA GLU B 83 42.17 1.54 6.79
C GLU B 83 41.99 2.95 7.39
N THR B 84 42.29 4.01 6.61
CA THR B 84 42.17 5.38 7.13
C THR B 84 40.73 5.73 7.47
N THR B 85 39.75 5.15 6.76
CA THR B 85 38.34 5.40 7.08
C THR B 85 38.01 4.92 8.49
N VAL B 86 38.47 3.70 8.87
CA VAL B 86 38.22 3.12 10.18
C VAL B 86 38.86 3.92 11.31
N GLN B 87 40.12 4.31 11.13
CA GLN B 87 40.88 5.08 12.11
C GLN B 87 40.24 6.44 12.39
N SER B 88 39.69 7.04 11.33
CA SER B 88 39.03 8.33 11.39
C SER B 88 37.62 8.20 11.97
N ASP B 89 36.83 7.23 11.47
CA ASP B 89 35.44 7.02 11.90
C ASP B 89 35.33 6.65 13.38
N MET B 90 36.26 5.83 13.89
CA MET B 90 36.17 5.30 15.25
C MET B 90 36.25 6.33 16.36
N LYS B 91 36.81 7.50 16.06
CA LYS B 91 36.88 8.62 17.01
C LYS B 91 35.48 9.14 17.37
N HIS B 92 34.48 8.91 16.51
CA HIS B 92 33.09 9.37 16.68
C HIS B 92 32.16 8.33 17.31
N TRP B 93 32.69 7.16 17.69
CA TRP B 93 31.86 6.09 18.27
C TRP B 93 32.15 5.94 19.74
N PRO B 94 31.08 5.81 20.55
CA PRO B 94 31.30 5.62 21.99
C PRO B 94 31.74 4.21 22.36
N PHE B 95 31.55 3.24 21.45
CA PHE B 95 31.94 1.86 21.69
C PHE B 95 33.40 1.65 21.23
N THR B 96 34.07 0.67 21.82
CA THR B 96 35.45 0.38 21.50
C THR B 96 35.61 -0.54 20.28
N VAL B 97 36.54 -0.20 19.39
CA VAL B 97 36.88 -1.01 18.22
C VAL B 97 38.41 -1.14 18.21
N LYS B 98 38.91 -2.38 18.15
CA LYS B 98 40.33 -2.71 18.11
C LYS B 98 40.60 -3.64 16.91
N GLY B 99 41.86 -3.80 16.54
CA GLY B 99 42.24 -4.67 15.43
C GLY B 99 42.63 -6.06 15.87
N GLY B 100 42.11 -7.07 15.18
CA GLY B 100 42.44 -8.46 15.46
C GLY B 100 43.72 -8.87 14.77
N SER B 101 44.22 -10.08 15.07
CA SER B 101 45.47 -10.56 14.44
C SER B 101 45.28 -10.78 12.93
N ASP B 102 44.04 -11.02 12.47
CA ASP B 102 43.72 -11.14 11.05
C ASP B 102 43.51 -9.74 10.37
N GLY B 103 43.72 -8.65 11.12
CA GLY B 103 43.53 -7.29 10.63
C GLY B 103 42.08 -6.82 10.60
N LYS B 104 41.13 -7.68 10.98
CA LYS B 104 39.73 -7.33 10.98
C LYS B 104 39.37 -6.55 12.23
N PRO B 105 38.42 -5.60 12.13
CA PRO B 105 37.95 -4.88 13.31
C PRO B 105 37.21 -5.82 14.26
N MET B 106 37.38 -5.58 15.56
CA MET B 106 36.74 -6.31 16.64
C MET B 106 36.03 -5.25 17.50
N ILE B 107 34.72 -5.31 17.56
CA ILE B 107 33.91 -4.40 18.35
C ILE B 107 33.81 -5.01 19.75
N GLU B 108 34.27 -4.27 20.77
CA GLU B 108 34.32 -4.74 22.14
C GLU B 108 33.23 -4.14 22.98
N VAL B 109 32.42 -4.99 23.60
CA VAL B 109 31.32 -4.59 24.48
C VAL B 109 31.35 -5.46 25.76
N SER B 110 30.53 -5.13 26.73
CA SER B 110 30.32 -5.92 27.91
C SER B 110 28.88 -6.49 27.78
N TYR B 111 28.71 -7.79 27.99
CA TYR B 111 27.43 -8.48 27.90
C TYR B 111 27.35 -9.47 29.06
N GLN B 112 26.38 -9.26 29.98
CA GLN B 112 26.21 -10.10 31.17
C GLN B 112 27.48 -10.16 32.03
N GLY B 113 28.09 -9.00 32.23
CA GLY B 113 29.29 -8.83 33.04
C GLY B 113 30.56 -9.39 32.43
N GLU B 114 30.53 -9.74 31.15
CA GLU B 114 31.70 -10.30 30.48
C GLU B 114 32.12 -9.48 29.26
N LYS B 115 33.44 -9.35 29.03
CA LYS B 115 33.96 -8.69 27.83
C LYS B 115 33.73 -9.60 26.59
N LYS B 116 33.07 -9.07 25.56
CA LYS B 116 32.77 -9.79 24.33
C LYS B 116 33.29 -9.01 23.12
N THR B 117 33.73 -9.70 22.06
CA THR B 117 34.20 -9.07 20.84
C THR B 117 33.42 -9.60 19.64
N PHE B 118 33.14 -8.74 18.68
CA PHE B 118 32.38 -9.11 17.51
C PHE B 118 32.96 -8.51 16.26
N HIS B 119 32.94 -9.26 15.18
CA HIS B 119 33.32 -8.74 13.89
C HIS B 119 32.14 -7.92 13.38
N PRO B 120 32.39 -6.95 12.50
CA PRO B 120 31.27 -6.14 11.98
C PRO B 120 30.17 -6.97 11.32
N GLU B 121 30.53 -8.07 10.62
CA GLU B 121 29.52 -8.92 9.99
C GLU B 121 28.67 -9.67 11.03
N GLU B 122 29.16 -9.86 12.24
CA GLU B 122 28.38 -10.49 13.31
C GLU B 122 27.33 -9.52 13.82
N ILE B 123 27.68 -8.24 13.96
CA ILE B 123 26.71 -7.23 14.36
C ILE B 123 25.67 -7.08 13.25
N SER B 124 26.11 -7.03 11.99
CA SER B 124 25.17 -6.91 10.85
C SER B 124 24.28 -8.14 10.73
N SER B 125 24.81 -9.35 11.06
CA SER B 125 24.01 -10.58 11.04
C SER B 125 22.88 -10.49 12.05
N MET B 126 23.10 -9.82 13.21
CA MET B 126 22.03 -9.66 14.20
C MET B 126 20.92 -8.74 13.69
N VAL B 127 21.29 -7.69 12.94
CA VAL B 127 20.30 -6.80 12.33
C VAL B 127 19.51 -7.57 11.26
N LEU B 128 20.21 -8.34 10.43
CA LEU B 128 19.59 -9.13 9.38
C LEU B 128 18.65 -10.18 9.95
N LYS B 129 19.04 -10.80 11.07
CA LYS B 129 18.24 -11.83 11.76
C LYS B 129 16.96 -11.19 12.29
N LYS B 130 17.05 -9.98 12.85
CA LYS B 130 15.88 -9.24 13.30
C LYS B 130 14.94 -8.96 12.14
N MET B 131 15.47 -8.54 10.96
CA MET B 131 14.63 -8.24 9.79
C MET B 131 13.97 -9.50 9.24
N LYS B 132 14.70 -10.65 9.28
CA LYS B 132 14.19 -11.96 8.89
C LYS B 132 12.99 -12.30 9.81
N GLU B 133 13.16 -12.08 11.14
CA GLU B 133 12.11 -12.33 12.12
C GLU B 133 10.91 -11.42 11.96
N VAL B 134 11.13 -10.16 11.58
CA VAL B 134 10.04 -9.22 11.31
C VAL B 134 9.18 -9.77 10.17
N ALA B 135 9.79 -10.30 9.09
CA ALA B 135 9.05 -10.86 7.97
C ALA B 135 8.35 -12.15 8.41
N GLU B 136 9.05 -12.99 9.21
CA GLU B 136 8.50 -14.26 9.69
C GLU B 136 7.27 -14.10 10.59
N THR B 137 7.28 -13.10 11.46
CA THR B 137 6.14 -12.79 12.33
C THR B 137 4.93 -12.41 11.47
N TYR B 138 5.16 -11.61 10.43
CA TYR B 138 4.11 -11.19 9.52
C TYR B 138 3.56 -12.38 8.70
N LEU B 139 4.46 -13.18 8.11
CA LEU B 139 4.04 -14.31 7.27
C LEU B 139 3.51 -15.50 8.06
N GLY B 140 3.90 -15.62 9.32
CA GLY B 140 3.59 -16.76 10.17
C GLY B 140 4.30 -18.03 9.69
N LYS B 141 5.37 -17.87 8.86
CA LYS B 141 6.13 -18.97 8.28
C LYS B 141 7.62 -18.61 8.23
N PRO B 142 8.51 -19.61 8.27
CA PRO B 142 9.95 -19.32 8.16
C PRO B 142 10.33 -18.79 6.77
N VAL B 143 11.35 -17.92 6.71
CA VAL B 143 11.86 -17.28 5.50
C VAL B 143 13.32 -17.68 5.37
N LYS B 144 13.74 -18.12 4.19
CA LYS B 144 15.12 -18.55 3.99
C LYS B 144 15.83 -17.71 2.95
N ASN B 145 15.15 -17.33 1.89
CA ASN B 145 15.77 -16.62 0.77
C ASN B 145 15.65 -15.12 0.87
N ALA B 146 16.70 -14.41 0.47
CA ALA B 146 16.74 -12.95 0.55
C ALA B 146 17.65 -12.32 -0.47
N VAL B 147 17.31 -11.10 -0.86
CA VAL B 147 18.19 -10.24 -1.63
C VAL B 147 18.57 -9.13 -0.63
N ILE B 148 19.88 -8.89 -0.48
CA ILE B 148 20.36 -7.84 0.40
C ILE B 148 21.07 -6.78 -0.46
N THR B 149 20.84 -5.50 -0.16
CA THR B 149 21.43 -4.40 -0.89
C THR B 149 22.66 -3.86 -0.20
N VAL B 150 23.55 -3.26 -0.99
CA VAL B 150 24.78 -2.61 -0.54
C VAL B 150 25.00 -1.34 -1.37
N PRO B 151 25.77 -0.37 -0.89
CA PRO B 151 26.08 0.80 -1.71
C PRO B 151 26.85 0.40 -2.97
N ALA B 152 26.65 1.12 -4.07
CA ALA B 152 27.34 0.82 -5.32
C ALA B 152 28.87 0.85 -5.19
N TYR B 153 29.42 1.68 -4.29
CA TYR B 153 30.87 1.77 -4.12
C TYR B 153 31.47 0.64 -3.28
N PHE B 154 30.64 -0.24 -2.68
CA PHE B 154 31.15 -1.35 -1.89
C PHE B 154 32.07 -2.26 -2.73
N ASN B 155 33.25 -2.58 -2.20
CA ASN B 155 34.20 -3.45 -2.89
C ASN B 155 33.83 -4.93 -2.66
N ASP B 156 34.59 -5.86 -3.25
CA ASP B 156 34.37 -7.30 -3.11
C ASP B 156 34.38 -7.74 -1.65
N SER B 157 35.28 -7.18 -0.84
CA SER B 157 35.38 -7.57 0.56
C SER B 157 34.16 -7.14 1.34
N GLN B 158 33.65 -5.93 1.08
CA GLN B 158 32.46 -5.41 1.74
C GLN B 158 31.22 -6.19 1.32
N ARG B 159 31.13 -6.56 0.04
CA ARG B 159 30.00 -7.36 -0.47
C ARG B 159 30.02 -8.76 0.12
N GLN B 160 31.19 -9.39 0.18
CA GLN B 160 31.34 -10.74 0.71
C GLN B 160 31.01 -10.78 2.19
N ALA B 161 31.47 -9.77 2.95
CA ALA B 161 31.19 -9.72 4.38
C ALA B 161 29.68 -9.51 4.63
N THR B 162 29.00 -8.74 3.76
CA THR B 162 27.56 -8.54 3.87
C THR B 162 26.82 -9.86 3.57
N LYS B 163 27.31 -10.63 2.58
CA LYS B 163 26.75 -11.93 2.22
C LYS B 163 26.94 -12.90 3.39
N ASP B 164 28.14 -12.91 4.00
CA ASP B 164 28.46 -13.74 5.17
C ASP B 164 27.55 -13.37 6.35
N ALA B 165 27.27 -12.07 6.56
CA ALA B 165 26.34 -11.63 7.61
C ALA B 165 24.95 -12.26 7.39
N GLY B 166 24.53 -12.35 6.12
CA GLY B 166 23.28 -12.97 5.74
C GLY B 166 23.29 -14.46 6.06
N ALA B 167 24.39 -15.17 5.73
CA ALA B 167 24.52 -16.60 5.99
C ALA B 167 24.47 -16.86 7.48
N ILE B 168 25.19 -16.05 8.30
CA ILE B 168 25.18 -16.18 9.75
C ILE B 168 23.76 -15.98 10.29
N ALA B 169 22.97 -15.07 9.67
CA ALA B 169 21.58 -14.82 10.07
C ALA B 169 20.60 -15.96 9.67
N GLY B 170 21.07 -16.94 8.92
CA GLY B 170 20.26 -18.06 8.45
C GLY B 170 19.57 -17.81 7.12
N LEU B 171 20.08 -16.86 6.34
CA LEU B 171 19.50 -16.52 5.07
C LEU B 171 20.34 -17.11 3.97
N ASN B 172 19.66 -17.52 2.90
CA ASN B 172 20.28 -17.97 1.68
C ASN B 172 20.22 -16.70 0.84
N VAL B 173 21.37 -16.06 0.66
CA VAL B 173 21.43 -14.82 -0.07
C VAL B 173 21.42 -15.09 -1.56
N LEU B 174 20.25 -14.85 -2.18
CA LEU B 174 20.10 -15.06 -3.62
C LEU B 174 21.02 -14.15 -4.39
N ARG B 175 21.18 -12.91 -3.92
CA ARG B 175 22.02 -11.95 -4.58
C ARG B 175 22.22 -10.73 -3.71
N ILE B 176 23.37 -10.09 -3.89
CA ILE B 176 23.73 -8.81 -3.29
C ILE B 176 23.56 -7.83 -4.46
N ILE B 177 22.71 -6.82 -4.31
CA ILE B 177 22.52 -5.85 -5.40
C ILE B 177 22.81 -4.44 -4.90
N ASN B 178 23.08 -3.52 -5.80
CA ASN B 178 23.35 -2.13 -5.45
C ASN B 178 22.10 -1.39 -5.01
N GLU B 179 22.25 -0.53 -4.00
CA GLU B 179 21.19 0.30 -3.49
C GLU B 179 20.54 1.18 -4.58
N PRO B 180 21.33 1.93 -5.37
CA PRO B 180 20.71 2.76 -6.42
C PRO B 180 19.95 1.94 -7.45
N THR B 181 20.45 0.77 -7.81
CA THR B 181 19.80 -0.13 -8.75
C THR B 181 18.49 -0.63 -8.15
N ALA B 182 18.47 -0.96 -6.85
CA ALA B 182 17.25 -1.40 -6.17
C ALA B 182 16.18 -0.32 -6.20
N ALA B 183 16.58 0.95 -6.03
CA ALA B 183 15.66 2.06 -6.06
C ALA B 183 15.08 2.24 -7.45
N ALA B 184 15.89 2.02 -8.51
CA ALA B 184 15.44 2.12 -9.90
C ALA B 184 14.46 0.98 -10.21
N ILE B 185 14.74 -0.23 -9.71
CA ILE B 185 13.88 -1.40 -9.86
C ILE B 185 12.52 -1.15 -9.19
N ALA B 186 12.52 -0.50 -8.01
CA ALA B 186 11.29 -0.18 -7.29
C ALA B 186 10.34 0.65 -8.13
N TYR B 187 10.88 1.58 -8.92
CA TYR B 187 10.07 2.44 -9.75
C TYR B 187 9.68 1.85 -11.11
N GLY B 188 10.06 0.58 -11.35
CA GLY B 188 9.76 -0.12 -12.59
C GLY B 188 10.38 0.56 -13.79
N LEU B 189 11.51 1.26 -13.59
CA LEU B 189 12.19 1.98 -14.67
C LEU B 189 12.76 1.04 -15.72
N ASP B 190 12.96 -0.24 -15.38
CA ASP B 190 13.38 -1.30 -16.30
C ASP B 190 12.23 -1.72 -17.25
N LYS B 191 10.99 -1.62 -16.79
CA LYS B 191 9.82 -2.01 -17.57
C LYS B 191 9.19 -0.81 -18.29
N LYS B 192 10.02 0.11 -18.83
CA LYS B 192 9.51 1.29 -19.55
C LYS B 192 10.16 1.45 -20.92
N GLY B 195 15.83 2.38 -26.33
CA GLY B 195 15.22 2.44 -25.00
C GLY B 195 16.21 2.68 -23.88
N GLU B 196 17.28 3.46 -24.16
CA GLU B 196 18.29 3.77 -23.13
C GLU B 196 17.79 4.88 -22.20
N GLN B 197 17.95 4.70 -20.90
CA GLN B 197 17.46 5.69 -19.94
C GLN B 197 18.57 6.07 -18.98
N ASN B 198 18.72 7.36 -18.71
CA ASN B 198 19.67 7.90 -17.75
C ASN B 198 18.90 8.23 -16.48
N ILE B 199 19.16 7.49 -15.40
CA ILE B 199 18.47 7.65 -14.12
C ILE B 199 19.41 8.20 -13.07
N LEU B 200 19.03 9.28 -12.39
CA LEU B 200 19.79 9.81 -11.27
C LEU B 200 19.14 9.40 -9.95
N ILE B 201 19.86 8.68 -9.09
CA ILE B 201 19.39 8.30 -7.77
C ILE B 201 20.00 9.29 -6.79
N PHE B 202 19.18 10.02 -6.05
CA PHE B 202 19.63 10.98 -5.06
C PHE B 202 19.23 10.36 -3.71
N ASP B 203 20.23 9.80 -2.99
CA ASP B 203 20.02 9.09 -1.74
C ASP B 203 20.63 9.82 -0.58
N LEU B 204 19.80 10.50 0.21
CA LEU B 204 20.29 11.22 1.39
C LEU B 204 19.66 10.58 2.65
N GLY B 205 20.44 9.75 3.33
CA GLY B 205 19.97 9.04 4.50
C GLY B 205 20.31 9.69 5.83
N GLY B 206 20.69 8.86 6.80
CA GLY B 206 20.98 9.31 8.15
C GLY B 206 22.41 9.73 8.33
N GLY B 207 23.32 8.93 7.78
CA GLY B 207 24.74 9.21 7.89
C GLY B 207 25.48 9.44 6.60
N THR B 208 24.89 9.03 5.45
CA THR B 208 25.55 9.15 4.14
C THR B 208 24.68 9.79 3.06
N PHE B 209 25.34 10.32 2.02
CA PHE B 209 24.74 10.93 0.87
C PHE B 209 25.40 10.27 -0.35
N ASP B 210 24.59 9.64 -1.17
CA ASP B 210 25.04 8.94 -2.36
C ASP B 210 24.25 9.38 -3.57
N VAL B 211 24.95 9.79 -4.62
CA VAL B 211 24.33 10.12 -5.89
C VAL B 211 24.87 9.12 -6.89
N SER B 212 23.99 8.51 -7.68
CA SER B 212 24.40 7.51 -8.66
C SER B 212 23.68 7.76 -9.96
N LEU B 213 24.42 7.75 -11.08
CA LEU B 213 23.84 7.88 -12.40
C LEU B 213 23.89 6.50 -13.04
N LEU B 214 22.72 5.94 -13.34
CA LEU B 214 22.56 4.62 -13.93
C LEU B 214 22.06 4.75 -15.35
N THR B 215 22.33 3.73 -16.14
CA THR B 215 21.86 3.62 -17.51
C THR B 215 21.16 2.26 -17.63
N LEU B 216 20.06 2.21 -18.42
CA LEU B 216 19.27 1.01 -18.62
C LEU B 216 19.43 0.49 -20.03
N GLU B 217 20.45 -0.35 -20.26
CA GLU B 217 20.74 -0.92 -21.58
C GLU B 217 20.00 -2.28 -21.74
N ASP B 218 18.85 -2.28 -22.45
CA ASP B 218 18.01 -3.47 -22.66
C ASP B 218 17.55 -4.16 -21.35
N GLY B 219 16.89 -3.41 -20.48
CA GLY B 219 16.41 -3.93 -19.20
C GLY B 219 17.49 -4.24 -18.16
N ILE B 220 18.76 -4.06 -18.54
CA ILE B 220 19.90 -4.30 -17.67
C ILE B 220 20.39 -2.95 -17.16
N PHE B 221 20.60 -2.83 -15.86
CA PHE B 221 21.10 -1.59 -15.28
C PHE B 221 22.63 -1.61 -15.25
N GLU B 222 23.25 -0.43 -15.43
CA GLU B 222 24.69 -0.27 -15.34
C GLU B 222 24.94 1.02 -14.53
N VAL B 223 25.84 0.96 -13.55
CA VAL B 223 26.20 2.13 -12.76
C VAL B 223 27.29 2.89 -13.51
N LYS B 224 26.96 4.04 -14.09
CA LYS B 224 27.93 4.79 -14.87
C LYS B 224 28.84 5.69 -14.03
N ALA B 225 28.29 6.31 -12.98
CA ALA B 225 29.07 7.18 -12.12
C ALA B 225 28.44 7.30 -10.74
N THR B 226 29.26 7.43 -9.71
CA THR B 226 28.79 7.61 -8.33
C THR B 226 29.60 8.71 -7.66
N SER B 227 28.98 9.42 -6.75
CA SER B 227 29.65 10.45 -5.95
C SER B 227 28.77 10.70 -4.71
N GLY B 228 29.18 11.62 -3.85
CA GLY B 228 28.43 11.93 -2.65
C GLY B 228 29.35 12.32 -1.53
N ASP B 229 28.96 12.00 -0.31
CA ASP B 229 29.74 12.29 0.88
C ASP B 229 29.32 11.26 1.93
N THR B 230 30.26 10.37 2.30
CA THR B 230 30.03 9.34 3.30
C THR B 230 29.80 9.92 4.72
N HIS B 231 29.94 11.25 4.88
CA HIS B 231 29.77 11.92 6.16
C HIS B 231 28.85 13.14 6.07
N LEU B 232 27.76 13.00 5.28
CA LEU B 232 26.68 13.99 5.16
C LEU B 232 25.36 13.23 5.17
N GLY B 233 24.51 13.55 6.13
CA GLY B 233 23.19 12.95 6.25
C GLY B 233 22.32 13.71 7.23
N GLY B 234 21.17 13.14 7.56
CA GLY B 234 20.24 13.75 8.48
C GLY B 234 20.82 14.07 9.84
N GLU B 235 21.75 13.25 10.35
CA GLU B 235 22.38 13.51 11.65
C GLU B 235 23.17 14.83 11.66
N ASP B 236 23.69 15.26 10.50
CA ASP B 236 24.39 16.52 10.36
C ASP B 236 23.43 17.72 10.42
N PHE B 237 22.18 17.54 9.98
CA PHE B 237 21.16 18.59 10.06
C PHE B 237 20.68 18.70 11.51
N ASP B 238 20.61 17.55 12.24
CA ASP B 238 20.27 17.54 13.66
C ASP B 238 21.33 18.34 14.43
N ASN B 239 22.63 18.15 14.09
CA ASN B 239 23.76 18.85 14.71
C ASN B 239 23.67 20.36 14.54
N LYS B 240 23.09 20.84 13.42
CA LYS B 240 22.89 22.28 13.19
C LYS B 240 21.85 22.81 14.17
N LEU B 241 20.79 22.02 14.47
CA LEU B 241 19.76 22.43 15.42
C LEU B 241 20.31 22.36 16.85
N VAL B 242 21.11 21.33 17.17
CA VAL B 242 21.74 21.20 18.49
C VAL B 242 22.63 22.40 18.77
N ASN B 243 23.57 22.73 17.86
CA ASN B 243 24.47 23.88 17.99
C ASN B 243 23.69 25.19 18.19
N PHE B 244 22.56 25.37 17.48
CA PHE B 244 21.73 26.56 17.63
C PHE B 244 21.12 26.63 19.02
N CYS B 245 20.53 25.50 19.49
CA CYS B 245 19.89 25.41 20.80
C CYS B 245 20.86 25.63 21.93
N VAL B 246 22.11 25.13 21.79
CA VAL B 246 23.17 25.31 22.78
C VAL B 246 23.46 26.81 22.95
N GLN B 247 23.54 27.54 21.83
CA GLN B 247 23.77 28.98 21.82
C GLN B 247 22.55 29.77 22.31
N ASP B 248 21.35 29.28 22.01
CA ASP B 248 20.11 29.90 22.44
C ASP B 248 19.95 29.78 23.97
N PHE B 249 20.36 28.63 24.53
CA PHE B 249 20.32 28.37 25.98
C PHE B 249 21.27 29.35 26.67
N LYS B 250 22.47 29.58 26.09
CA LYS B 250 23.47 30.53 26.60
C LYS B 250 22.86 31.93 26.70
N LYS B 251 22.18 32.41 25.63
CA LYS B 251 21.55 33.74 25.61
C LYS B 251 20.39 33.86 26.61
N LYS B 252 19.75 32.75 26.96
CA LYS B 252 18.62 32.76 27.89
C LYS B 252 19.03 32.60 29.35
N ASN B 253 20.14 31.90 29.60
CA ASN B 253 20.58 31.54 30.94
C ASN B 253 22.03 31.94 31.24
N VAL B 258 25.63 23.75 27.99
CA VAL B 258 25.02 22.45 27.76
C VAL B 258 26.01 21.43 27.17
N SER B 259 26.93 21.92 26.32
CA SER B 259 27.98 21.15 25.63
C SER B 259 28.89 20.36 26.57
N LYS B 260 29.10 20.85 27.81
CA LYS B 260 29.95 20.21 28.80
C LYS B 260 29.37 18.89 29.34
N ASN B 261 28.05 18.69 29.21
CA ASN B 261 27.36 17.49 29.66
C ASN B 261 26.91 16.70 28.42
N SER B 262 27.51 15.52 28.18
CA SER B 262 27.17 14.71 27.01
C SER B 262 25.76 14.13 27.07
N LYS B 263 25.24 13.89 28.29
CA LYS B 263 23.86 13.41 28.45
C LYS B 263 22.89 14.53 28.08
N SER B 264 23.19 15.79 28.45
CA SER B 264 22.35 16.94 28.09
C SER B 264 22.33 17.12 26.57
N LEU B 265 23.47 16.92 25.89
CA LEU B 265 23.54 17.04 24.44
C LEU B 265 22.71 15.95 23.76
N ARG B 266 22.81 14.69 24.23
CA ARG B 266 22.08 13.54 23.66
C ARG B 266 20.58 13.75 23.78
N ARG B 267 20.11 14.25 24.93
CA ARG B 267 18.69 14.52 25.17
C ARG B 267 18.20 15.63 24.26
N LEU B 268 19.02 16.66 24.06
CA LEU B 268 18.70 17.78 23.19
C LEU B 268 18.65 17.32 21.72
N ARG B 269 19.60 16.46 21.32
CA ARG B 269 19.70 15.90 19.97
C ARG B 269 18.47 15.10 19.63
N THR B 270 17.95 14.31 20.60
CA THR B 270 16.74 13.52 20.41
C THR B 270 15.56 14.42 20.04
N GLN B 271 15.40 15.53 20.77
CA GLN B 271 14.31 16.48 20.50
C GLN B 271 14.53 17.28 19.22
N CYS B 272 15.79 17.50 18.82
CA CYS B 272 16.08 18.25 17.59
C CYS B 272 15.71 17.41 16.37
N GLU B 273 16.01 16.10 16.39
CA GLU B 273 15.64 15.23 15.27
C GLU B 273 14.12 15.14 15.14
N LYS B 274 13.37 15.17 16.27
CA LYS B 274 11.91 15.11 16.22
C LYS B 274 11.37 16.36 15.58
N ALA B 275 11.85 17.54 15.99
CA ALA B 275 11.44 18.82 15.44
C ALA B 275 11.73 18.91 13.94
N LYS B 276 12.90 18.40 13.50
CA LYS B 276 13.30 18.34 12.09
C LYS B 276 12.25 17.59 11.28
N ARG B 277 11.82 16.41 11.76
CA ARG B 277 10.83 15.60 11.07
C ARG B 277 9.51 16.35 10.92
N VAL B 278 9.07 17.03 12.00
CA VAL B 278 7.83 17.81 12.01
C VAL B 278 7.90 18.91 10.95
N LEU B 279 9.06 19.59 10.87
CA LEU B 279 9.31 20.68 9.90
C LEU B 279 9.23 20.25 8.44
N SER B 280 9.19 18.93 8.15
CA SER B 280 9.03 18.47 6.78
C SER B 280 7.56 18.54 6.32
N SER B 281 6.60 18.60 7.27
CA SER B 281 5.20 18.70 6.92
C SER B 281 4.47 19.88 7.62
N SER B 282 5.16 20.61 8.52
CA SER B 282 4.60 21.78 9.20
C SER B 282 5.54 22.98 9.05
N ALA B 283 5.01 24.20 9.23
CA ALA B 283 5.83 25.41 9.10
C ALA B 283 6.63 25.73 10.37
N GLN B 284 6.29 25.10 11.50
CA GLN B 284 6.89 25.34 12.81
C GLN B 284 6.93 24.07 13.63
N ALA B 285 7.82 24.05 14.62
CA ALA B 285 7.95 22.93 15.55
C ALA B 285 8.54 23.43 16.85
N THR B 286 8.30 22.72 17.95
CA THR B 286 8.83 23.09 19.25
C THR B 286 9.87 22.10 19.70
N ILE B 287 11.02 22.60 20.20
CA ILE B 287 12.06 21.78 20.79
C ILE B 287 11.94 22.04 22.26
N GLU B 288 11.67 20.99 23.04
CA GLU B 288 11.47 21.13 24.48
C GLU B 288 12.17 20.04 25.27
N VAL B 289 13.01 20.44 26.23
CA VAL B 289 13.69 19.50 27.11
C VAL B 289 13.54 20.01 28.53
N ASP B 290 12.77 19.29 29.34
CA ASP B 290 12.57 19.68 30.73
C ASP B 290 13.82 19.30 31.51
N SER B 291 14.31 20.22 32.37
CA SER B 291 15.51 20.04 33.18
C SER B 291 16.70 19.56 32.32
N LEU B 292 17.05 20.37 31.32
CA LEU B 292 18.09 20.06 30.34
C LEU B 292 19.51 20.06 30.96
N PHE B 293 19.86 21.15 31.65
CA PHE B 293 21.15 21.36 32.30
C PHE B 293 20.88 22.22 33.53
N ASP B 294 21.46 21.85 34.69
CA ASP B 294 21.31 22.57 35.97
C ASP B 294 19.85 22.76 36.36
N GLY B 295 19.04 21.74 36.10
CA GLY B 295 17.61 21.77 36.40
C GLY B 295 16.82 22.84 35.65
N ILE B 296 17.43 23.45 34.62
CA ILE B 296 16.76 24.49 33.84
C ILE B 296 16.01 23.88 32.68
N ASP B 297 14.71 24.24 32.54
CA ASP B 297 13.88 23.78 31.44
C ASP B 297 14.24 24.56 30.19
N TYR B 298 14.22 23.89 29.03
CA TYR B 298 14.52 24.51 27.76
C TYR B 298 13.35 24.36 26.80
N ASN B 299 13.02 25.44 26.12
CA ASN B 299 11.94 25.47 25.15
C ASN B 299 12.29 26.50 24.08
N VAL B 300 12.03 26.16 22.81
CA VAL B 300 12.26 27.06 21.68
C VAL B 300 11.36 26.67 20.52
N ASN B 301 10.91 27.66 19.73
CA ASN B 301 10.11 27.39 18.55
C ASN B 301 11.01 27.58 17.34
N ILE B 302 11.04 26.59 16.44
CA ILE B 302 11.84 26.63 15.23
C ILE B 302 10.92 26.66 14.04
N THR B 303 11.05 27.68 13.19
CA THR B 303 10.27 27.74 11.97
C THR B 303 11.04 26.93 10.90
N ARG B 304 10.35 26.51 9.85
CA ARG B 304 10.98 25.81 8.74
C ARG B 304 12.04 26.71 8.09
N ALA B 305 11.76 28.04 8.00
CA ALA B 305 12.67 29.05 7.47
C ALA B 305 13.99 29.08 8.26
N LYS B 306 13.92 29.00 9.61
CA LYS B 306 15.13 29.04 10.43
C LYS B 306 15.97 27.78 10.24
N PHE B 307 15.30 26.61 10.14
CA PHE B 307 15.96 25.33 9.90
C PHE B 307 16.67 25.37 8.56
N GLU B 308 16.00 25.90 7.53
CA GLU B 308 16.54 26.05 6.18
C GLU B 308 17.75 26.98 6.16
N GLU B 309 17.73 28.02 6.99
CA GLU B 309 18.82 28.98 7.10
C GLU B 309 20.04 28.32 7.75
N LEU B 310 19.85 27.60 8.87
CA LEU B 310 20.94 26.90 9.56
C LEU B 310 21.61 25.85 8.67
N CYS B 311 20.85 25.22 7.78
CA CYS B 311 21.32 24.14 6.90
C CYS B 311 21.55 24.56 5.45
N MET B 312 21.36 25.85 5.13
CA MET B 312 21.46 26.44 3.80
C MET B 312 22.61 25.95 2.95
N ASP B 313 23.85 26.01 3.46
CA ASP B 313 25.03 25.59 2.72
C ASP B 313 25.03 24.07 2.52
N GLN B 314 24.70 23.32 3.55
CA GLN B 314 24.67 21.86 3.47
C GLN B 314 23.65 21.36 2.45
N PHE B 315 22.48 22.00 2.39
CA PHE B 315 21.42 21.64 1.45
C PHE B 315 21.86 21.94 0.02
N ARG B 316 22.38 23.15 -0.22
CA ARG B 316 22.84 23.58 -1.53
C ARG B 316 24.00 22.70 -2.02
N ASN B 317 24.92 22.34 -1.12
CA ASN B 317 26.07 21.52 -1.48
C ASN B 317 25.71 20.08 -1.90
N THR B 318 24.46 19.64 -1.68
CA THR B 318 24.03 18.32 -2.18
C THR B 318 24.04 18.30 -3.72
N LEU B 319 23.95 19.47 -4.37
CA LEU B 319 23.99 19.55 -5.81
C LEU B 319 25.39 19.35 -6.38
N ILE B 320 26.46 19.57 -5.57
CA ILE B 320 27.84 19.40 -6.03
C ILE B 320 28.10 17.93 -6.50
N PRO B 321 27.78 16.88 -5.70
CA PRO B 321 27.93 15.51 -6.22
C PRO B 321 27.00 15.17 -7.40
N VAL B 322 25.88 15.89 -7.56
CA VAL B 322 25.00 15.69 -8.72
C VAL B 322 25.74 16.19 -9.98
N GLU B 323 26.36 17.38 -9.88
CA GLU B 323 27.13 17.93 -10.98
C GLU B 323 28.33 17.03 -11.29
N LYS B 324 28.97 16.46 -10.26
CA LYS B 324 30.14 15.58 -10.42
C LYS B 324 29.80 14.26 -11.14
N VAL B 325 28.64 13.61 -10.83
CA VAL B 325 28.28 12.37 -11.55
C VAL B 325 27.92 12.68 -13.00
N LEU B 326 27.31 13.83 -13.28
CA LEU B 326 26.96 14.19 -14.64
C LEU B 326 28.24 14.43 -15.45
N LYS B 327 29.23 15.10 -14.85
CA LYS B 327 30.54 15.34 -15.45
C LYS B 327 31.25 14.00 -15.71
N ASP B 328 31.34 13.11 -14.70
CA ASP B 328 31.99 11.80 -14.84
C ASP B 328 31.32 10.95 -15.91
N ALA B 329 29.99 10.97 -15.98
CA ALA B 329 29.26 10.21 -17.00
C ALA B 329 29.23 10.92 -18.35
N LYS B 330 29.86 12.10 -18.47
CA LYS B 330 29.93 12.89 -19.68
C LYS B 330 28.54 13.18 -20.24
N MET B 331 27.63 13.67 -19.38
CA MET B 331 26.30 14.01 -19.85
C MET B 331 25.73 15.26 -19.20
N ASP B 332 24.78 15.91 -19.88
CA ASP B 332 24.10 17.13 -19.45
C ASP B 332 22.93 16.78 -18.55
N LYS B 333 22.57 17.69 -17.63
CA LYS B 333 21.44 17.47 -16.73
C LYS B 333 20.12 17.26 -17.46
N SER B 334 20.00 17.84 -18.68
CA SER B 334 18.81 17.70 -19.53
C SER B 334 18.62 16.27 -20.04
N GLN B 335 19.70 15.47 -20.08
CA GLN B 335 19.65 14.09 -20.52
C GLN B 335 19.16 13.10 -19.45
N VAL B 336 18.90 13.58 -18.21
CA VAL B 336 18.41 12.72 -17.13
C VAL B 336 16.90 12.52 -17.29
N HIS B 337 16.47 11.25 -17.49
CA HIS B 337 15.07 10.87 -17.72
C HIS B 337 14.29 10.80 -16.42
N GLU B 338 14.89 10.29 -15.34
CA GLU B 338 14.22 10.18 -14.03
C GLU B 338 15.18 10.55 -12.92
N ILE B 339 14.68 11.29 -11.91
CA ILE B 339 15.40 11.63 -10.67
C ILE B 339 14.65 10.91 -9.55
N VAL B 340 15.26 9.91 -8.91
CA VAL B 340 14.62 9.15 -7.84
C VAL B 340 15.10 9.61 -6.47
N LEU B 341 14.17 10.03 -5.61
CA LEU B 341 14.50 10.44 -4.24
C LEU B 341 14.47 9.22 -3.33
N VAL B 342 15.61 8.93 -2.69
CA VAL B 342 15.82 7.80 -1.77
C VAL B 342 16.40 8.37 -0.46
N GLY B 343 16.12 7.72 0.65
CA GLY B 343 16.63 8.15 1.95
C GLY B 343 15.66 9.05 2.67
N GLY B 344 15.57 8.87 3.98
CA GLY B 344 14.66 9.63 4.82
C GLY B 344 14.81 11.13 4.75
N SER B 345 16.03 11.63 4.56
CA SER B 345 16.29 13.07 4.48
C SER B 345 15.72 13.73 3.21
N THR B 346 15.39 12.94 2.16
CA THR B 346 14.77 13.53 0.96
C THR B 346 13.33 13.98 1.21
N ARG B 347 12.76 13.74 2.42
CA ARG B 347 11.44 14.26 2.81
C ARG B 347 11.51 15.76 3.09
N ILE B 348 12.73 16.35 3.28
CA ILE B 348 12.91 17.77 3.56
C ILE B 348 12.49 18.57 2.35
N PRO B 349 11.44 19.39 2.47
CA PRO B 349 10.95 20.16 1.32
C PRO B 349 11.99 20.97 0.58
N LYS B 350 12.92 21.63 1.29
CA LYS B 350 13.97 22.44 0.68
C LYS B 350 14.87 21.61 -0.22
N ILE B 351 15.17 20.38 0.17
CA ILE B 351 16.00 19.50 -0.65
C ILE B 351 15.27 19.14 -1.93
N GLN B 352 13.98 18.83 -1.84
CA GLN B 352 13.17 18.49 -3.00
C GLN B 352 13.10 19.67 -3.96
N GLN B 353 12.94 20.88 -3.42
CA GLN B 353 12.87 22.10 -4.21
C GLN B 353 14.19 22.38 -4.91
N LEU B 354 15.33 22.24 -4.19
CA LEU B 354 16.65 22.45 -4.79
C LEU B 354 16.94 21.50 -5.97
N ILE B 355 16.55 20.21 -5.84
CA ILE B 355 16.74 19.20 -6.89
C ILE B 355 15.86 19.52 -8.11
N LYS B 356 14.58 19.89 -7.86
CA LYS B 356 13.64 20.22 -8.92
C LYS B 356 14.14 21.42 -9.71
N ASP B 357 14.60 22.48 -9.01
CA ASP B 357 15.14 23.68 -9.63
C ASP B 357 16.40 23.36 -10.43
N PHE B 358 17.29 22.51 -9.88
CA PHE B 358 18.50 22.10 -10.60
C PHE B 358 18.15 21.42 -11.93
N PHE B 359 17.15 20.54 -11.92
CA PHE B 359 16.71 19.84 -13.12
C PHE B 359 15.65 20.60 -13.92
N ASN B 360 15.65 21.93 -13.80
CA ASN B 360 14.78 22.86 -14.54
C ASN B 360 13.29 22.53 -14.45
N GLY B 361 12.84 22.23 -13.25
CA GLY B 361 11.43 21.99 -13.01
C GLY B 361 10.95 20.56 -13.14
N LYS B 362 11.85 19.62 -13.48
CA LYS B 362 11.48 18.23 -13.61
C LYS B 362 11.08 17.66 -12.25
N GLU B 363 9.91 17.00 -12.19
CA GLU B 363 9.43 16.42 -10.95
C GLU B 363 10.19 15.15 -10.64
N PRO B 364 10.77 15.04 -9.44
CA PRO B 364 11.45 13.79 -9.07
C PRO B 364 10.45 12.68 -8.72
N CSX B 365 10.84 11.42 -8.91
CA CSX B 365 10.05 10.26 -8.55
CB CSX B 365 10.61 9.04 -9.29
SG CSX B 365 9.91 8.99 -10.96
C CSX B 365 10.17 10.09 -7.02
O CSX B 365 11.27 9.82 -6.53
OD CSX B 365 10.30 7.75 -11.53
N LYS B 366 9.08 10.32 -6.29
CA LYS B 366 9.05 10.19 -4.82
C LYS B 366 7.77 9.52 -4.29
N ALA B 367 7.02 8.82 -5.16
CA ALA B 367 5.77 8.14 -4.83
C ALA B 367 6.00 7.09 -3.75
N ILE B 368 7.13 6.36 -3.83
CA ILE B 368 7.48 5.37 -2.82
C ILE B 368 8.18 6.06 -1.65
N ASN B 369 7.79 5.74 -0.37
CA ASN B 369 8.42 6.27 0.85
C ASN B 369 9.94 6.14 0.69
N PRO B 370 10.67 7.27 0.68
CA PRO B 370 12.08 7.22 0.27
C PRO B 370 12.98 6.30 1.10
N ASP B 371 12.66 6.11 2.36
CA ASP B 371 13.41 5.20 3.22
C ASP B 371 12.97 3.72 3.09
N GLU B 372 12.02 3.43 2.15
CA GLU B 372 11.53 2.09 1.82
C GLU B 372 11.80 1.69 0.37
N ALA B 373 12.18 2.63 -0.50
CA ALA B 373 12.41 2.35 -1.91
C ALA B 373 13.44 1.28 -2.17
N VAL B 374 14.54 1.26 -1.40
CA VAL B 374 15.60 0.28 -1.62
C VAL B 374 15.13 -1.13 -1.23
N ALA B 375 14.45 -1.26 -0.06
CA ALA B 375 13.89 -2.55 0.36
C ALA B 375 12.82 -2.99 -0.64
N TYR B 376 12.02 -2.03 -1.17
CA TYR B 376 10.97 -2.26 -2.16
C TYR B 376 11.57 -2.89 -3.41
N GLY B 377 12.60 -2.28 -3.98
CA GLY B 377 13.27 -2.84 -5.13
C GLY B 377 13.94 -4.17 -4.85
N ALA B 378 14.56 -4.34 -3.67
CA ALA B 378 15.19 -5.60 -3.30
C ALA B 378 14.14 -6.70 -3.21
N ALA B 379 12.93 -6.37 -2.72
CA ALA B 379 11.84 -7.33 -2.59
C ALA B 379 11.35 -7.76 -3.98
N VAL B 380 11.30 -6.82 -4.93
CA VAL B 380 10.91 -7.11 -6.30
C VAL B 380 11.94 -8.07 -6.91
N GLN B 381 13.21 -7.75 -6.75
CA GLN B 381 14.29 -8.58 -7.27
C GLN B 381 14.29 -9.97 -6.63
N ALA B 382 13.98 -10.05 -5.33
CA ALA B 382 13.93 -11.35 -4.64
C ALA B 382 12.83 -12.23 -5.19
N ALA B 383 11.67 -11.62 -5.55
CA ALA B 383 10.54 -12.34 -6.10
C ALA B 383 10.90 -12.84 -7.51
N ILE B 384 11.55 -11.97 -8.33
CA ILE B 384 11.98 -12.34 -9.68
C ILE B 384 12.95 -13.54 -9.60
N LEU B 385 13.97 -13.44 -8.74
CA LEU B 385 14.94 -14.53 -8.56
C LEU B 385 14.35 -15.81 -7.95
N SER B 386 13.14 -15.75 -7.41
CA SER B 386 12.43 -16.93 -6.91
C SER B 386 11.44 -17.53 -7.95
N GLY B 387 11.36 -16.96 -9.14
CA GLY B 387 10.47 -17.45 -10.18
C GLY B 387 9.10 -16.77 -10.26
N ASP B 388 8.90 -15.70 -9.49
CA ASP B 388 7.63 -14.98 -9.53
C ASP B 388 7.70 -13.80 -10.55
C2 PG4 C . -23.80 -14.23 -22.87
O2 PG4 C . -23.06 -15.20 -22.12
C3 PG4 C . -23.73 -16.44 -21.95
C4 PG4 C . -24.73 -16.33 -20.85
O3 PG4 C . -24.79 -17.54 -20.11
C5 PG4 C . -26.05 -18.18 -20.27
C6 PG4 C . -26.20 -19.36 -19.36
N3B AN2 D . -19.88 -5.96 -5.66
PB AN2 D . -20.20 -4.55 -6.57
O2B AN2 D . -20.52 -3.50 -5.62
O1B AN2 D . -18.97 -4.23 -7.48
O3A AN2 D . -21.55 -4.69 -7.40
PA AN2 D . -22.05 -4.02 -8.77
O1A AN2 D . -21.03 -3.28 -9.61
O2A AN2 D . -22.71 -5.26 -9.33
O5' AN2 D . -23.05 -2.92 -8.20
C5' AN2 D . -24.16 -3.20 -7.36
C4' AN2 D . -24.92 -1.88 -7.15
O4' AN2 D . -25.35 -1.46 -8.45
C3' AN2 D . -26.22 -2.05 -6.36
O3' AN2 D . -26.28 -1.02 -5.38
C2' AN2 D . -27.34 -1.83 -7.36
O2' AN2 D . -28.51 -1.15 -6.83
C1' AN2 D . -26.66 -0.92 -8.34
N9 AN2 D . -27.36 -0.96 -9.63
C8 AN2 D . -27.41 -1.99 -10.52
N7 AN2 D . -28.12 -1.62 -11.61
C5 AN2 D . -28.56 -0.38 -11.39
C4 AN2 D . -28.06 0.06 -10.08
N3 AN2 D . -28.28 1.33 -9.65
C2 AN2 D . -28.97 2.17 -10.42
N1 AN2 D . -29.51 1.82 -11.62
C6 AN2 D . -29.37 0.58 -12.13
N6 AN2 D . -29.95 0.20 -13.28
C1 GOL E . -1.33 4.09 -4.87
O1 GOL E . -2.08 5.09 -5.56
C2 GOL E . -1.15 2.86 -5.73
O2 GOL E . -0.81 3.27 -7.06
C3 GOL E . -2.38 1.97 -5.73
O3 GOL E . -2.13 0.72 -6.39
N1 PYZ F . -12.22 -2.84 3.08
N2 PYZ F . -12.20 -1.64 2.46
C3 PYZ F . -12.94 -1.77 1.37
C4 PYZ F . -13.38 -3.07 1.29
I4 PYZ F . -14.66 -3.83 -0.12
C5 PYZ F . -12.94 -3.71 2.37
C1 GOL G . -27.50 -2.21 -2.45
O1 GOL G . -27.86 -1.42 -3.57
C2 GOL G . -26.57 -3.37 -2.83
O2 GOL G . -25.70 -3.62 -1.72
C3 GOL G . -27.36 -4.62 -3.14
O3 GOL G . -28.00 -4.54 -4.41
C1 GOL H . -9.16 6.10 -0.90
O1 GOL H . -9.85 6.71 0.19
C2 GOL H . -9.58 4.66 -1.03
O2 GOL H . -11.00 4.56 -1.17
C3 GOL H . -8.88 3.95 -2.17
O3 GOL H . -7.51 4.31 -2.30
P PO4 I . -15.73 -3.58 -5.19
O1 PO4 I . -14.13 -3.62 -5.11
O2 PO4 I . -16.18 -2.44 -6.22
O3 PO4 I . -16.30 -3.18 -3.78
O4 PO4 I . -16.34 -5.01 -5.56
CL CL J . -20.56 -23.11 -24.34
CL CL K . -9.56 -20.08 -21.63
C1 GOL L . -0.50 -12.28 5.22
O1 GOL L . -0.57 -11.36 6.29
C2 GOL L . 0.57 -13.31 5.50
O2 GOL L . 0.76 -14.12 4.35
C3 GOL L . 0.18 -14.19 6.67
O3 GOL L . -0.95 -13.68 7.37
N3B AN2 M . 19.07 3.89 4.96
PB AN2 M . 19.72 4.99 6.16
O2B AN2 M . 20.25 4.16 7.24
O1B AN2 M . 20.95 5.86 5.58
O3A AN2 M . 18.64 6.01 6.82
PA AN2 M . 17.17 6.50 6.32
O1A AN2 M . 17.01 6.42 4.82
O2A AN2 M . 16.15 5.83 7.21
O5' AN2 M . 17.23 8.03 6.79
C5' AN2 M . 17.37 8.30 8.17
C4' AN2 M . 17.62 9.80 8.28
O4' AN2 M . 16.53 10.47 7.64
C3' AN2 M . 17.64 10.28 9.71
O3' AN2 M . 18.65 11.30 9.74
C2' AN2 M . 16.27 10.93 9.88
O2' AN2 M . 16.24 12.01 10.82
C1' AN2 M . 15.96 11.45 8.49
N9 AN2 M . 14.49 11.55 8.32
C8 AN2 M . 13.57 10.57 8.43
N7 AN2 M . 12.32 11.05 8.25
C5 AN2 M . 12.42 12.37 8.06
C4 AN2 M . 13.85 12.70 8.17
N3 AN2 M . 14.24 13.99 8.02
C2 AN2 M . 13.35 14.98 7.81
N1 AN2 M . 12.02 14.76 7.72
C6 AN2 M . 11.50 13.51 7.85
N6 AN2 M . 10.16 13.31 7.80
C1 GOL N . 10.40 -9.59 15.42
O1 GOL N . 8.98 -9.71 15.46
C2 GOL N . 11.06 -10.77 16.12
O2 GOL N . 12.48 -10.55 16.22
C3 GOL N . 10.49 -10.91 17.52
O3 GOL N . 10.59 -9.68 18.22
N1 PYZ O . 31.67 2.55 3.94
N2 PYZ O . 31.82 3.88 4.04
C3 PYZ O . 30.65 4.35 4.47
C4 PYZ O . 29.77 3.29 4.65
I4 PYZ O . 27.81 3.40 5.30
C5 PYZ O . 30.44 2.16 4.30
C1 GOL P . 32.80 7.98 -1.78
O1 GOL P . 32.29 6.80 -1.16
C2 GOL P . 31.72 9.01 -1.94
O2 GOL P . 32.23 10.13 -2.67
C3 GOL P . 30.54 8.43 -2.69
O3 GOL P . 29.39 8.34 -1.84
P PO4 Q . 23.16 3.85 3.26
O1 PO4 Q . 24.51 3.29 2.58
O2 PO4 Q . 22.18 4.38 2.12
O3 PO4 Q . 23.47 5.06 4.20
O4 PO4 Q . 22.45 2.68 4.08
I IOD R . 31.49 8.45 11.48
#